data_1RHH
#
_entry.id   1RHH
#
_cell.length_a   139.600
_cell.length_b   139.600
_cell.length_c   120.340
_cell.angle_alpha   90.00
_cell.angle_beta   90.00
_cell.angle_gamma   90.00
#
_symmetry.space_group_name_H-M   'P 4 21 2'
#
loop_
_entity.id
_entity.type
_entity.pdbx_description
1 polymer 'Fab X5, light chain'
2 polymer 'Fab X5, heavy chain'
3 water water
#
loop_
_entity_poly.entity_id
_entity_poly.type
_entity_poly.pdbx_seq_one_letter_code
_entity_poly.pdbx_strand_id
1 'polypeptide(L)'
;ELVLTQSPGTLSLSAGERATLSCRASQSVSSGSLAWYQQKPGQAPRLLIYGASTRATGIPDRFSGSGSGTDFTLTIGRLE
PEDLAVYYCQQYGTSPYTFGQGTKLEIKRTVAAPSVFIFPPSDEQLKSGTASVVCLLNNFYPREAKVQWKVDNALQSGNS
QESVTEQDSRDSTYSLGSTLTLSKADYEKHKVYACEVTHQGLSSPVTKSFNRGEC
;
A,C
2 'polypeptide(L)'
;EVQLLEQSGAEVKKPGSSVQVSCKASGGTFSMYGFNWVRQAPGHGLEWMGGIIPIFGTSNYAQKFRGRVTFTADQATSTA
YMELTNLRSDDTAVYYCARDFGPDWEDGDSYDGSGRGFFDFWGQGTLVTVSSASTKGPSVFPLAPSSKSTSGGTAALGCL
VKDYFPEPVTVSWNSGALTSGVHTFPAVLQSSGLYSLSSVVTVPSSSLGTQTYICNVNHKPSNTKVDKKVEPKSCDKTS
;
B,D
#
# COMPACT_ATOMS: atom_id res chain seq x y z
N GLU A 1 -15.68 2.56 0.03
CA GLU A 1 -15.30 1.85 1.29
C GLU A 1 -16.44 0.97 1.79
N LEU A 2 -16.12 -0.27 2.15
CA LEU A 2 -17.14 -1.19 2.65
C LEU A 2 -17.64 -0.81 4.03
N VAL A 3 -18.95 -0.66 4.14
CA VAL A 3 -19.54 -0.33 5.41
C VAL A 3 -20.10 -1.60 6.04
N LEU A 4 -19.68 -1.86 7.28
CA LEU A 4 -20.15 -3.04 7.99
C LEU A 4 -21.15 -2.58 9.05
N THR A 5 -22.34 -3.17 9.02
CA THR A 5 -23.37 -2.83 9.98
C THR A 5 -23.70 -4.03 10.87
N GLN A 6 -23.49 -3.86 12.17
CA GLN A 6 -23.76 -4.93 13.11
C GLN A 6 -25.12 -4.78 13.77
N SER A 7 -25.72 -5.92 14.11
CA SER A 7 -27.03 -5.96 14.72
C SER A 7 -27.10 -7.16 15.64
N PRO A 8 -27.72 -7.01 16.83
CA PRO A 8 -28.33 -5.77 17.32
C PRO A 8 -27.26 -4.90 17.98
N GLY A 9 -27.62 -3.69 18.37
CA GLY A 9 -26.65 -2.82 19.01
C GLY A 9 -26.24 -3.40 20.35
N THR A 10 -27.25 -3.86 21.08
CA THR A 10 -27.04 -4.45 22.39
C THR A 10 -27.83 -5.74 22.49
N LEU A 11 -27.21 -6.75 23.08
CA LEU A 11 -27.84 -8.06 23.24
C LEU A 11 -27.85 -8.36 24.73
N SER A 12 -29.02 -8.66 25.28
CA SER A 12 -29.14 -8.96 26.70
C SER A 12 -29.59 -10.41 26.87
N LEU A 13 -28.69 -11.26 27.36
CA LEU A 13 -28.97 -12.67 27.54
C LEU A 13 -28.45 -13.21 28.86
N SER A 14 -29.03 -14.31 29.31
CA SER A 14 -28.60 -14.93 30.56
C SER A 14 -27.56 -16.00 30.20
N ALA A 15 -26.69 -16.31 31.14
CA ALA A 15 -25.66 -17.32 30.92
C ALA A 15 -26.37 -18.61 30.51
N GLY A 16 -25.80 -19.33 29.55
CA GLY A 16 -26.41 -20.57 29.10
C GLY A 16 -27.20 -20.44 27.81
N GLU A 17 -27.62 -19.22 27.47
CA GLU A 17 -28.38 -19.01 26.25
C GLU A 17 -27.45 -18.88 25.05
N ARG A 18 -28.04 -18.84 23.86
CA ARG A 18 -27.27 -18.72 22.64
C ARG A 18 -27.30 -17.29 22.11
N ALA A 19 -26.14 -16.78 21.74
CA ALA A 19 -26.02 -15.43 21.22
C ALA A 19 -25.79 -15.48 19.71
N THR A 20 -26.55 -14.67 18.99
CA THR A 20 -26.43 -14.57 17.54
C THR A 20 -26.16 -13.12 17.17
N LEU A 21 -24.97 -12.86 16.65
CA LEU A 21 -24.58 -11.50 16.25
C LEU A 21 -24.44 -11.38 14.74
N SER A 22 -25.10 -10.39 14.19
CA SER A 22 -25.10 -10.17 12.74
C SER A 22 -24.17 -9.03 12.28
N CYS A 23 -23.57 -9.24 11.11
CA CYS A 23 -22.69 -8.27 10.49
C CYS A 23 -23.02 -8.29 9.00
N ARG A 24 -23.56 -7.19 8.50
CA ARG A 24 -23.91 -7.09 7.09
C ARG A 24 -23.06 -6.04 6.40
N ALA A 25 -22.59 -6.38 5.20
CA ALA A 25 -21.73 -5.51 4.44
C ALA A 25 -22.46 -4.78 3.31
N SER A 26 -22.01 -3.56 3.02
CA SER A 26 -22.63 -2.75 1.98
C SER A 26 -22.27 -3.27 0.59
N GLN A 27 -21.18 -4.03 0.52
CA GLN A 27 -20.69 -4.61 -0.72
C GLN A 27 -20.18 -6.01 -0.40
N SER A 28 -20.09 -6.88 -1.40
CA SER A 28 -19.62 -8.25 -1.18
C SER A 28 -18.21 -8.27 -0.60
N VAL A 29 -18.03 -9.04 0.46
CA VAL A 29 -16.71 -9.16 1.09
C VAL A 29 -15.92 -10.21 0.32
N SER A 30 -14.78 -9.79 -0.23
CA SER A 30 -13.96 -10.68 -1.03
C SER A 30 -13.37 -11.88 -0.28
N SER A 31 -13.54 -13.07 -0.87
CA SER A 31 -13.03 -14.33 -0.33
C SER A 31 -13.47 -14.69 1.09
N GLY A 32 -14.57 -14.13 1.55
CA GLY A 32 -15.01 -14.42 2.90
C GLY A 32 -14.00 -13.92 3.92
N SER A 33 -13.28 -12.85 3.56
CA SER A 33 -12.27 -12.25 4.44
C SER A 33 -12.95 -11.42 5.52
N LEU A 34 -13.57 -12.11 6.47
CA LEU A 34 -14.30 -11.47 7.56
C LEU A 34 -13.82 -12.03 8.89
N ALA A 35 -13.46 -11.15 9.81
CA ALA A 35 -12.98 -11.56 11.12
C ALA A 35 -13.89 -11.04 12.22
N TRP A 36 -13.88 -11.73 13.36
CA TRP A 36 -14.66 -11.33 14.53
C TRP A 36 -13.71 -11.17 15.71
N TYR A 37 -13.90 -10.10 16.48
CA TYR A 37 -13.07 -9.83 17.64
C TYR A 37 -13.91 -9.65 18.89
N GLN A 38 -13.33 -10.01 20.03
CA GLN A 38 -13.98 -9.87 21.32
C GLN A 38 -13.17 -8.84 22.10
N GLN A 39 -13.83 -7.85 22.69
CA GLN A 39 -13.12 -6.87 23.49
C GLN A 39 -13.80 -6.78 24.84
N LYS A 40 -13.17 -7.39 25.84
CA LYS A 40 -13.71 -7.40 27.19
C LYS A 40 -13.46 -6.05 27.85
N PRO A 41 -14.19 -5.73 28.92
CA PRO A 41 -14.01 -4.44 29.60
C PRO A 41 -12.53 -4.18 29.95
N GLY A 42 -12.06 -3.00 29.58
CA GLY A 42 -10.69 -2.61 29.87
C GLY A 42 -9.58 -3.40 29.19
N GLN A 43 -9.90 -4.16 28.16
CA GLN A 43 -8.90 -4.97 27.46
C GLN A 43 -8.78 -4.62 25.99
N ALA A 44 -7.71 -5.11 25.36
CA ALA A 44 -7.50 -4.90 23.94
C ALA A 44 -8.32 -5.97 23.24
N PRO A 45 -8.62 -5.77 21.95
CA PRO A 45 -9.41 -6.76 21.19
C PRO A 45 -8.68 -8.10 21.09
N ARG A 46 -9.45 -9.17 20.90
CA ARG A 46 -8.88 -10.51 20.75
C ARG A 46 -9.57 -11.21 19.59
N LEU A 47 -8.78 -11.75 18.67
CA LEU A 47 -9.31 -12.44 17.49
C LEU A 47 -10.06 -13.71 17.90
N LEU A 48 -11.28 -13.84 17.38
CA LEU A 48 -12.16 -14.97 17.65
C LEU A 48 -12.27 -15.90 16.43
N ILE A 49 -12.54 -15.27 15.28
CA ILE A 49 -12.74 -15.96 14.01
C ILE A 49 -12.13 -15.19 12.85
N TYR A 50 -11.66 -15.91 11.83
CA TYR A 50 -11.16 -15.27 10.62
C TYR A 50 -11.60 -16.11 9.41
N GLY A 51 -11.54 -15.54 8.21
CA GLY A 51 -11.98 -16.28 7.05
C GLY A 51 -13.46 -16.63 7.23
N ALA A 52 -14.16 -15.78 7.99
CA ALA A 52 -15.58 -15.94 8.29
C ALA A 52 -15.97 -17.13 9.18
N SER A 53 -15.29 -18.26 9.05
CA SER A 53 -15.67 -19.44 9.84
C SER A 53 -14.54 -20.19 10.55
N THR A 54 -13.31 -19.71 10.43
CA THR A 54 -12.21 -20.39 11.08
C THR A 54 -11.97 -19.86 12.49
N ARG A 55 -12.16 -20.74 13.47
CA ARG A 55 -11.98 -20.39 14.87
C ARG A 55 -10.48 -20.22 15.12
N ALA A 56 -10.11 -19.12 15.75
CA ALA A 56 -8.71 -18.85 16.04
C ALA A 56 -8.16 -19.78 17.13
N THR A 57 -6.85 -19.98 17.13
CA THR A 57 -6.21 -20.85 18.11
C THR A 57 -6.44 -20.35 19.54
N GLY A 58 -6.79 -21.25 20.44
CA GLY A 58 -7.02 -20.88 21.82
C GLY A 58 -8.43 -20.43 22.13
N ILE A 59 -9.26 -20.32 21.10
CA ILE A 59 -10.64 -19.89 21.25
C ILE A 59 -11.59 -21.06 21.54
N PRO A 60 -12.44 -20.93 22.59
CA PRO A 60 -13.41 -21.95 23.03
C PRO A 60 -14.31 -22.46 21.90
N ASP A 61 -14.72 -23.72 21.99
CA ASP A 61 -15.58 -24.31 20.95
C ASP A 61 -17.00 -23.78 20.90
N ARG A 62 -17.35 -22.89 21.84
CA ARG A 62 -18.71 -22.34 21.82
C ARG A 62 -18.83 -21.19 20.82
N PHE A 63 -17.70 -20.75 20.27
CA PHE A 63 -17.69 -19.67 19.28
C PHE A 63 -17.63 -20.25 17.88
N SER A 64 -18.52 -19.76 17.01
CA SER A 64 -18.61 -20.22 15.62
C SER A 64 -18.95 -19.05 14.70
N GLY A 65 -18.38 -19.07 13.49
CA GLY A 65 -18.65 -18.02 12.53
C GLY A 65 -19.23 -18.61 11.25
N SER A 66 -20.08 -17.85 10.58
CA SER A 66 -20.68 -18.32 9.33
C SER A 66 -21.04 -17.14 8.43
N GLY A 67 -21.31 -17.44 7.17
CA GLY A 67 -21.69 -16.38 6.25
C GLY A 67 -20.80 -16.25 5.04
N SER A 68 -21.32 -15.52 4.07
CA SER A 68 -20.62 -15.28 2.82
C SER A 68 -21.27 -14.09 2.13
N GLY A 69 -20.52 -13.44 1.24
CA GLY A 69 -21.06 -12.31 0.51
C GLY A 69 -21.23 -11.06 1.35
N THR A 70 -22.49 -10.74 1.69
CA THR A 70 -22.77 -9.54 2.47
C THR A 70 -23.39 -9.85 3.82
N ASP A 71 -23.50 -11.12 4.16
CA ASP A 71 -24.13 -11.51 5.42
C ASP A 71 -23.31 -12.51 6.23
N PHE A 72 -22.92 -12.09 7.43
CA PHE A 72 -22.11 -12.91 8.32
C PHE A 72 -22.68 -12.95 9.74
N THR A 73 -22.41 -14.04 10.44
CA THR A 73 -22.93 -14.23 11.79
C THR A 73 -21.93 -14.84 12.74
N LEU A 74 -21.89 -14.31 13.96
CA LEU A 74 -21.05 -14.87 14.99
C LEU A 74 -22.04 -15.50 15.97
N THR A 75 -21.82 -16.75 16.31
CA THR A 75 -22.70 -17.44 17.25
C THR A 75 -21.93 -17.88 18.46
N ILE A 76 -22.49 -17.61 19.64
CA ILE A 76 -21.89 -18.05 20.89
C ILE A 76 -22.90 -19.06 21.37
N GLY A 77 -22.59 -20.34 21.16
CA GLY A 77 -23.48 -21.44 21.50
C GLY A 77 -24.16 -21.49 22.85
N ARG A 78 -23.37 -21.40 23.91
CA ARG A 78 -23.87 -21.45 25.29
C ARG A 78 -23.10 -20.41 26.10
N LEU A 79 -23.62 -19.19 26.14
CA LEU A 79 -23.00 -18.08 26.85
C LEU A 79 -22.46 -18.36 28.25
N GLU A 80 -21.25 -17.88 28.50
CA GLU A 80 -20.62 -18.01 29.82
C GLU A 80 -20.53 -16.56 30.32
N PRO A 81 -20.53 -16.37 31.65
CA PRO A 81 -20.45 -14.98 32.15
C PRO A 81 -19.22 -14.22 31.65
N GLU A 82 -18.14 -14.94 31.38
CA GLU A 82 -16.89 -14.33 30.89
C GLU A 82 -17.02 -13.78 29.47
N ASP A 83 -18.12 -14.08 28.79
CA ASP A 83 -18.32 -13.61 27.44
C ASP A 83 -18.81 -12.17 27.37
N LEU A 84 -19.04 -11.57 28.54
CA LEU A 84 -19.46 -10.17 28.61
C LEU A 84 -18.41 -9.35 27.87
N ALA A 85 -18.82 -8.63 26.84
CA ALA A 85 -17.89 -7.85 26.04
C ALA A 85 -18.60 -7.21 24.86
N VAL A 86 -17.82 -6.49 24.05
CA VAL A 86 -18.32 -5.87 22.83
C VAL A 86 -17.66 -6.71 21.74
N TYR A 87 -18.45 -7.11 20.74
CA TYR A 87 -17.95 -7.92 19.64
C TYR A 87 -17.97 -7.09 18.35
N TYR A 88 -16.88 -7.16 17.60
CA TYR A 88 -16.72 -6.43 16.36
C TYR A 88 -16.41 -7.35 15.18
N CYS A 89 -16.95 -7.03 14.01
CA CYS A 89 -16.61 -7.79 12.82
C CYS A 89 -15.70 -6.85 12.04
N GLN A 90 -14.91 -7.41 11.13
CA GLN A 90 -13.96 -6.61 10.36
C GLN A 90 -13.72 -7.30 9.04
N GLN A 91 -13.78 -6.55 7.94
CA GLN A 91 -13.51 -7.16 6.65
C GLN A 91 -12.12 -6.74 6.21
N TYR A 92 -11.41 -7.66 5.58
CA TYR A 92 -10.08 -7.39 5.10
C TYR A 92 -9.94 -7.88 3.66
N GLY A 93 -11.06 -7.99 2.97
CA GLY A 93 -11.03 -8.42 1.59
C GLY A 93 -10.66 -7.27 0.67
N THR A 94 -10.90 -6.05 1.13
CA THR A 94 -10.59 -4.86 0.36
C THR A 94 -10.03 -3.76 1.26
N SER A 95 -9.10 -2.99 0.72
CA SER A 95 -8.47 -1.90 1.46
C SER A 95 -9.29 -0.63 1.18
N PRO A 96 -9.50 0.21 2.20
CA PRO A 96 -9.07 0.11 3.59
C PRO A 96 -9.86 -0.92 4.37
N TYR A 97 -9.22 -1.58 5.34
CA TYR A 97 -9.93 -2.54 6.15
C TYR A 97 -10.93 -1.74 6.97
N THR A 98 -12.12 -2.30 7.19
CA THR A 98 -13.14 -1.60 7.95
C THR A 98 -13.78 -2.50 8.99
N PHE A 99 -14.26 -1.88 10.07
CA PHE A 99 -14.90 -2.60 11.17
C PHE A 99 -16.37 -2.22 11.31
N GLY A 100 -17.15 -3.14 11.87
CA GLY A 100 -18.54 -2.84 12.14
C GLY A 100 -18.53 -1.99 13.40
N GLN A 101 -19.66 -1.41 13.78
CA GLN A 101 -19.70 -0.56 14.97
C GLN A 101 -19.78 -1.32 16.29
N GLY A 102 -19.87 -2.65 16.22
CA GLY A 102 -19.93 -3.46 17.41
C GLY A 102 -21.27 -3.77 18.04
N THR A 103 -21.32 -4.91 18.73
CA THR A 103 -22.49 -5.37 19.44
C THR A 103 -22.09 -5.59 20.89
N LYS A 104 -22.79 -4.92 21.79
CA LYS A 104 -22.52 -5.05 23.21
C LYS A 104 -23.35 -6.20 23.78
N LEU A 105 -22.68 -7.12 24.45
CA LEU A 105 -23.34 -8.28 25.04
C LEU A 105 -23.42 -8.11 26.54
N GLU A 106 -24.66 -7.99 27.05
CA GLU A 106 -24.89 -7.85 28.48
C GLU A 106 -25.47 -9.16 29.02
N ILE A 107 -25.15 -9.47 30.27
CA ILE A 107 -25.62 -10.71 30.88
C ILE A 107 -26.67 -10.49 31.96
N LYS A 108 -27.81 -11.17 31.83
CA LYS A 108 -28.86 -11.07 32.83
C LYS A 108 -28.60 -12.16 33.85
N ARG A 109 -28.91 -11.86 35.12
CA ARG A 109 -28.72 -12.84 36.19
C ARG A 109 -29.73 -12.55 37.29
N THR A 110 -29.72 -13.36 38.34
CA THR A 110 -30.64 -13.18 39.46
C THR A 110 -30.30 -11.92 40.25
N VAL A 111 -31.27 -11.46 41.02
CA VAL A 111 -31.08 -10.28 41.85
C VAL A 111 -30.06 -10.55 42.94
N ALA A 112 -29.25 -9.54 43.26
CA ALA A 112 -28.24 -9.67 44.30
C ALA A 112 -28.13 -8.31 45.00
N ALA A 113 -28.36 -8.31 46.30
CA ALA A 113 -28.29 -7.09 47.09
C ALA A 113 -26.83 -6.67 47.26
N PRO A 114 -26.57 -5.36 47.30
CA PRO A 114 -25.19 -4.93 47.47
C PRO A 114 -24.75 -4.97 48.93
N SER A 115 -23.45 -5.08 49.14
CA SER A 115 -22.86 -4.99 50.48
C SER A 115 -22.47 -3.52 50.45
N VAL A 116 -22.73 -2.80 51.53
CA VAL A 116 -22.43 -1.37 51.56
C VAL A 116 -21.36 -1.02 52.58
N PHE A 117 -20.39 -0.20 52.17
CA PHE A 117 -19.30 0.20 53.05
C PHE A 117 -19.08 1.70 52.93
N ILE A 118 -18.63 2.33 54.01
CA ILE A 118 -18.39 3.76 53.96
C ILE A 118 -16.95 4.06 54.41
N PHE A 119 -16.38 5.09 53.81
CA PHE A 119 -15.01 5.52 54.09
C PHE A 119 -14.95 7.02 54.35
N PRO A 120 -14.55 7.43 55.56
CA PRO A 120 -14.46 8.87 55.84
C PRO A 120 -13.25 9.39 55.03
N PRO A 121 -13.13 10.70 54.87
CA PRO A 121 -11.97 11.22 54.13
C PRO A 121 -10.69 10.98 54.93
N SER A 122 -9.55 10.88 54.27
CA SER A 122 -8.28 10.68 54.98
C SER A 122 -7.85 12.00 55.58
N ASP A 123 -7.11 11.97 56.68
CA ASP A 123 -6.64 13.22 57.28
C ASP A 123 -5.73 13.92 56.27
N GLU A 124 -4.93 13.13 55.55
CA GLU A 124 -4.02 13.69 54.56
C GLU A 124 -4.78 14.56 53.58
N GLN A 125 -5.88 14.06 53.04
CA GLN A 125 -6.64 14.85 52.08
C GLN A 125 -7.28 16.08 52.73
N LEU A 126 -7.86 15.88 53.91
CA LEU A 126 -8.50 16.98 54.63
C LEU A 126 -7.55 18.14 54.81
N LYS A 127 -6.32 17.80 55.20
CA LYS A 127 -5.26 18.77 55.43
C LYS A 127 -5.21 19.79 54.31
N SER A 128 -5.38 19.32 53.07
CA SER A 128 -5.32 20.20 51.91
C SER A 128 -6.56 21.00 51.60
N GLY A 129 -7.61 20.83 52.39
CA GLY A 129 -8.81 21.63 52.17
C GLY A 129 -10.02 20.95 51.58
N THR A 130 -9.92 19.66 51.27
CA THR A 130 -11.03 18.94 50.67
C THR A 130 -11.30 17.61 51.35
N ALA A 131 -12.58 17.26 51.46
CA ALA A 131 -12.97 16.00 52.06
C ALA A 131 -13.81 15.19 51.08
N SER A 132 -13.31 14.02 50.71
CA SER A 132 -14.05 13.12 49.82
C SER A 132 -14.55 11.98 50.71
N VAL A 133 -15.86 11.85 50.82
CA VAL A 133 -16.45 10.78 51.63
C VAL A 133 -16.92 9.74 50.61
N VAL A 134 -16.48 8.50 50.78
CA VAL A 134 -16.83 7.48 49.80
C VAL A 134 -17.75 6.37 50.31
N CYS A 135 -18.75 6.05 49.51
CA CYS A 135 -19.70 4.99 49.83
C CYS A 135 -19.54 3.92 48.76
N LEU A 136 -19.32 2.67 49.18
CA LEU A 136 -19.14 1.58 48.23
C LEU A 136 -20.29 0.58 48.24
N LEU A 137 -20.87 0.31 47.07
CA LEU A 137 -21.95 -0.68 46.91
C LEU A 137 -21.28 -1.81 46.14
N ASN A 138 -21.10 -2.95 46.79
CA ASN A 138 -20.38 -4.04 46.18
C ASN A 138 -21.17 -5.26 45.73
N ASN A 139 -20.90 -5.66 44.48
CA ASN A 139 -21.47 -6.84 43.88
C ASN A 139 -22.98 -7.00 43.91
N PHE A 140 -23.70 -6.10 43.25
CA PHE A 140 -25.15 -6.19 43.22
C PHE A 140 -25.57 -6.40 41.77
N TYR A 141 -26.76 -6.90 41.51
CA TYR A 141 -27.03 -7.10 40.10
C TYR A 141 -27.85 -6.06 39.37
N PRO A 142 -29.17 -6.02 39.55
CA PRO A 142 -29.84 -4.97 38.79
C PRO A 142 -28.95 -3.74 38.95
N ARG A 143 -28.49 -3.17 37.83
CA ARG A 143 -27.60 -2.01 37.88
C ARG A 143 -28.25 -0.85 38.62
N GLU A 144 -29.57 -0.79 38.56
CA GLU A 144 -30.32 0.28 39.21
C GLU A 144 -30.18 0.26 40.74
N ALA A 145 -29.70 1.36 41.28
CA ALA A 145 -29.52 1.49 42.72
C ALA A 145 -29.58 2.97 43.02
N LYS A 146 -30.00 3.31 44.23
CA LYS A 146 -30.08 4.71 44.62
C LYS A 146 -29.23 4.97 45.84
N VAL A 147 -28.37 5.99 45.74
CA VAL A 147 -27.52 6.40 46.85
C VAL A 147 -27.91 7.82 47.21
N GLN A 148 -28.27 8.03 48.47
CA GLN A 148 -28.64 9.36 48.94
C GLN A 148 -27.74 9.70 50.11
N TRP A 149 -27.01 10.81 49.99
CA TRP A 149 -26.12 11.25 51.07
C TRP A 149 -26.87 12.17 52.01
N LYS A 150 -26.55 12.06 53.30
CA LYS A 150 -27.15 12.90 54.32
C LYS A 150 -26.06 13.37 55.27
N VAL A 151 -26.08 14.65 55.60
CA VAL A 151 -25.10 15.22 56.53
C VAL A 151 -25.94 15.85 57.65
N ASP A 152 -25.79 15.34 58.86
CA ASP A 152 -26.57 15.79 60.00
C ASP A 152 -28.04 15.70 59.62
N ASN A 153 -28.38 14.60 58.94
CA ASN A 153 -29.73 14.30 58.50
C ASN A 153 -30.29 15.18 57.39
N ALA A 154 -29.45 16.03 56.82
CA ALA A 154 -29.89 16.89 55.73
C ALA A 154 -29.53 16.22 54.41
N LEU A 155 -30.51 16.06 53.54
CA LEU A 155 -30.29 15.42 52.24
C LEU A 155 -29.39 16.28 51.35
N GLN A 156 -28.39 15.66 50.76
CA GLN A 156 -27.44 16.36 49.90
C GLN A 156 -27.81 16.21 48.42
N SER A 157 -27.45 17.20 47.62
CA SER A 157 -27.73 17.13 46.20
C SER A 157 -26.75 18.03 45.47
N GLY A 158 -26.27 17.58 44.32
CA GLY A 158 -25.34 18.37 43.53
C GLY A 158 -23.89 18.35 43.98
N ASN A 159 -23.58 17.64 45.07
CA ASN A 159 -22.20 17.60 45.55
C ASN A 159 -21.60 16.20 45.64
N SER A 160 -22.16 15.28 44.86
CA SER A 160 -21.65 13.91 44.83
C SER A 160 -21.54 13.46 43.37
N GLN A 161 -20.71 12.45 43.15
CA GLN A 161 -20.52 11.88 41.82
C GLN A 161 -20.36 10.40 42.00
N GLU A 162 -20.93 9.60 41.09
CA GLU A 162 -20.79 8.17 41.23
C GLU A 162 -20.28 7.52 39.97
N SER A 163 -19.73 6.33 40.13
CA SER A 163 -19.20 5.59 39.00
C SER A 163 -19.55 4.13 39.22
N VAL A 164 -19.85 3.44 38.13
CA VAL A 164 -20.22 2.04 38.22
C VAL A 164 -19.32 1.22 37.32
N THR A 165 -18.89 0.07 37.82
CA THR A 165 -18.04 -0.80 37.04
C THR A 165 -18.88 -1.48 35.98
N GLU A 166 -18.23 -2.14 35.03
CA GLU A 166 -18.95 -2.88 34.02
C GLU A 166 -19.26 -4.19 34.73
N GLN A 167 -20.16 -5.00 34.19
CA GLN A 167 -20.49 -6.28 34.83
C GLN A 167 -19.24 -7.11 35.07
N ASP A 168 -19.17 -7.77 36.22
CA ASP A 168 -18.04 -8.63 36.59
C ASP A 168 -18.01 -9.84 35.65
N SER A 169 -16.81 -10.20 35.18
CA SER A 169 -16.68 -11.33 34.25
C SER A 169 -16.97 -12.69 34.88
N ARG A 170 -17.05 -12.73 36.20
CA ARG A 170 -17.32 -13.99 36.89
C ARG A 170 -18.76 -14.15 37.39
N ASP A 171 -19.30 -13.12 38.04
CA ASP A 171 -20.66 -13.23 38.57
C ASP A 171 -21.67 -12.25 37.97
N SER A 172 -21.23 -11.50 36.97
CA SER A 172 -22.08 -10.55 36.26
C SER A 172 -22.69 -9.44 37.11
N THR A 173 -22.13 -9.20 38.30
CA THR A 173 -22.66 -8.14 39.17
C THR A 173 -21.96 -6.82 38.89
N TYR A 174 -22.48 -5.76 39.49
CA TYR A 174 -21.90 -4.44 39.34
C TYR A 174 -21.43 -3.98 40.71
N SER A 175 -20.62 -2.93 40.72
CA SER A 175 -20.20 -2.33 41.96
C SER A 175 -20.32 -0.85 41.66
N LEU A 176 -20.58 -0.05 42.68
CA LEU A 176 -20.75 1.38 42.48
C LEU A 176 -20.04 2.14 43.58
N GLY A 177 -19.38 3.24 43.19
CA GLY A 177 -18.68 4.05 44.17
C GLY A 177 -19.24 5.46 44.09
N SER A 178 -19.76 5.95 45.21
CA SER A 178 -20.32 7.30 45.26
C SER A 178 -19.42 8.16 46.13
N THR A 179 -19.03 9.31 45.63
CA THR A 179 -18.16 10.20 46.38
C THR A 179 -18.82 11.54 46.70
N LEU A 180 -18.93 11.83 47.99
CA LEU A 180 -19.49 13.11 48.43
C LEU A 180 -18.27 14.01 48.63
N THR A 181 -18.26 15.17 48.00
CA THR A 181 -17.11 16.06 48.14
C THR A 181 -17.49 17.38 48.80
N LEU A 182 -16.78 17.68 49.89
CA LEU A 182 -17.01 18.89 50.67
C LEU A 182 -15.68 19.61 50.92
N SER A 183 -15.78 20.89 51.26
CA SER A 183 -14.59 21.66 51.59
C SER A 183 -14.26 21.21 53.01
N LYS A 184 -13.02 21.42 53.44
CA LYS A 184 -12.62 21.03 54.78
C LYS A 184 -13.51 21.73 55.80
N ALA A 185 -13.81 23.01 55.56
CA ALA A 185 -14.64 23.79 56.46
C ALA A 185 -16.04 23.20 56.65
N ASP A 186 -16.72 22.90 55.55
CA ASP A 186 -18.06 22.33 55.64
C ASP A 186 -18.04 20.98 56.33
N TYR A 187 -17.06 20.15 55.97
CA TYR A 187 -16.94 18.83 56.57
C TYR A 187 -16.80 18.91 58.09
N GLU A 188 -15.95 19.80 58.57
CA GLU A 188 -15.72 19.91 60.01
C GLU A 188 -16.83 20.59 60.79
N LYS A 189 -17.81 21.15 60.11
CA LYS A 189 -18.91 21.81 60.82
C LYS A 189 -20.10 20.87 61.03
N HIS A 190 -19.97 19.64 60.54
CA HIS A 190 -21.04 18.66 60.69
C HIS A 190 -20.51 17.40 61.34
N LYS A 191 -21.42 16.59 61.87
CA LYS A 191 -21.02 15.38 62.57
C LYS A 191 -21.38 14.04 61.95
N VAL A 192 -22.65 13.84 61.62
CA VAL A 192 -23.09 12.56 61.08
C VAL A 192 -23.14 12.52 59.57
N TYR A 193 -22.38 11.59 59.00
CA TYR A 193 -22.33 11.41 57.55
C TYR A 193 -22.92 10.07 57.21
N ALA A 194 -23.98 10.09 56.41
CA ALA A 194 -24.63 8.83 56.06
C ALA A 194 -24.91 8.64 54.58
N CYS A 195 -24.81 7.37 54.17
CA CYS A 195 -25.05 6.96 52.80
C CYS A 195 -26.23 6.00 52.87
N GLU A 196 -27.36 6.37 52.28
CA GLU A 196 -28.52 5.48 52.28
C GLU A 196 -28.70 4.84 50.91
N VAL A 197 -28.68 3.52 50.90
CA VAL A 197 -28.78 2.75 49.68
C VAL A 197 -30.11 2.05 49.49
N THR A 198 -30.69 2.23 48.31
CA THR A 198 -31.95 1.60 47.95
C THR A 198 -31.65 0.69 46.76
N HIS A 199 -32.05 -0.58 46.88
CA HIS A 199 -31.84 -1.55 45.80
C HIS A 199 -32.88 -2.67 45.89
N GLN A 200 -33.24 -3.20 44.72
CA GLN A 200 -34.24 -4.26 44.62
C GLN A 200 -33.94 -5.48 45.51
N GLY A 201 -32.67 -5.76 45.74
CA GLY A 201 -32.30 -6.89 46.56
C GLY A 201 -32.48 -6.68 48.05
N LEU A 202 -32.74 -5.44 48.44
CA LEU A 202 -32.93 -5.09 49.85
C LEU A 202 -34.41 -4.87 50.16
N SER A 203 -34.86 -5.44 51.27
CA SER A 203 -36.26 -5.29 51.68
C SER A 203 -36.54 -3.85 52.09
N SER A 204 -35.50 -3.15 52.54
CA SER A 204 -35.65 -1.76 52.94
C SER A 204 -34.29 -1.09 52.77
N PRO A 205 -34.26 0.22 52.48
CA PRO A 205 -33.00 0.93 52.30
C PRO A 205 -32.10 0.76 53.52
N VAL A 206 -30.81 0.50 53.28
CA VAL A 206 -29.87 0.33 54.36
C VAL A 206 -28.97 1.56 54.41
N THR A 207 -28.57 1.96 55.61
CA THR A 207 -27.74 3.14 55.75
C THR A 207 -26.41 2.82 56.42
N LYS A 208 -25.34 3.40 55.88
CA LYS A 208 -24.00 3.25 56.45
C LYS A 208 -23.64 4.67 56.88
N SER A 209 -23.15 4.80 58.10
CA SER A 209 -22.80 6.12 58.61
C SER A 209 -21.64 6.07 59.60
N PHE A 210 -21.13 7.25 59.94
CA PHE A 210 -20.05 7.40 60.89
C PHE A 210 -20.15 8.82 61.42
N ASN A 211 -19.65 9.04 62.63
CA ASN A 211 -19.65 10.37 63.21
C ASN A 211 -18.21 10.86 63.17
N ARG A 212 -18.00 12.02 62.56
CA ARG A 212 -16.68 12.59 62.48
C ARG A 212 -16.19 12.78 63.91
N GLY A 213 -14.94 12.40 64.19
CA GLY A 213 -14.42 12.56 65.53
C GLY A 213 -14.47 11.30 66.37
N GLU A 214 -15.17 10.28 65.89
CA GLU A 214 -15.26 9.03 66.63
C GLU A 214 -14.34 7.99 66.03
N CYS A 215 -13.90 7.04 66.84
CA CYS A 215 -13.02 5.98 66.37
C CYS A 215 -13.83 4.80 65.87
N GLN B 3 1.43 -8.80 25.47
CA GLN B 3 2.67 -9.33 26.10
C GLN B 3 3.88 -9.19 25.19
N LEU B 4 3.94 -10.03 24.16
CA LEU B 4 5.04 -10.02 23.21
C LEU B 4 4.92 -8.89 22.20
N LEU B 5 4.11 -7.89 22.54
CA LEU B 5 3.90 -6.72 21.68
C LEU B 5 3.78 -5.51 22.61
N GLU B 6 4.93 -4.89 22.90
CA GLU B 6 5.01 -3.75 23.81
C GLU B 6 4.87 -2.39 23.13
N GLN B 7 4.04 -1.52 23.69
CA GLN B 7 3.82 -0.20 23.11
C GLN B 7 4.34 0.94 23.99
N SER B 8 4.49 2.11 23.39
CA SER B 8 4.95 3.30 24.10
C SER B 8 3.83 3.75 25.05
N GLY B 9 4.18 4.58 26.03
CA GLY B 9 3.21 5.03 26.99
C GLY B 9 2.24 6.12 26.56
N ALA B 10 1.10 6.17 27.24
CA ALA B 10 0.08 7.16 26.98
C ALA B 10 0.69 8.55 27.17
N GLU B 11 0.18 9.54 26.45
CA GLU B 11 0.69 10.89 26.59
C GLU B 11 -0.28 11.92 26.06
N VAL B 12 -0.17 13.15 26.56
CA VAL B 12 -1.01 14.24 26.08
C VAL B 12 -0.21 14.97 25.02
N LYS B 13 -0.88 15.39 23.94
CA LYS B 13 -0.20 16.09 22.85
C LYS B 13 -0.98 17.34 22.49
N LYS B 14 -0.28 18.44 22.25
CA LYS B 14 -0.92 19.69 21.89
C LYS B 14 -1.46 19.66 20.46
N PRO B 15 -2.54 20.40 20.20
CA PRO B 15 -3.14 20.46 18.86
C PRO B 15 -2.07 20.94 17.88
N GLY B 16 -1.96 20.29 16.73
CA GLY B 16 -0.97 20.70 15.75
C GLY B 16 0.35 19.96 15.84
N SER B 17 0.60 19.27 16.95
CA SER B 17 1.84 18.54 17.14
C SER B 17 1.77 17.17 16.47
N SER B 18 2.85 16.41 16.59
CA SER B 18 2.92 15.08 16.01
C SER B 18 3.22 14.07 17.11
N VAL B 19 2.75 12.84 16.91
CA VAL B 19 3.00 11.80 17.89
C VAL B 19 3.54 10.57 17.19
N GLN B 20 4.40 9.85 17.89
CA GLN B 20 4.98 8.64 17.35
C GLN B 20 4.64 7.52 18.33
N VAL B 21 3.92 6.51 17.84
CA VAL B 21 3.54 5.38 18.67
C VAL B 21 4.41 4.22 18.25
N SER B 22 5.07 3.60 19.22
CA SER B 22 5.95 2.49 18.92
C SER B 22 5.38 1.14 19.30
N CYS B 23 5.87 0.12 18.61
CA CYS B 23 5.41 -1.24 18.82
C CYS B 23 6.61 -2.18 18.73
N LYS B 24 6.93 -2.84 19.84
CA LYS B 24 8.08 -3.75 19.85
C LYS B 24 7.66 -5.22 19.93
N ALA B 25 8.15 -6.01 18.99
CA ALA B 25 7.87 -7.43 18.95
C ALA B 25 8.87 -8.04 19.91
N SER B 26 8.38 -8.60 21.02
CA SER B 26 9.26 -9.18 22.03
C SER B 26 9.96 -10.48 21.65
N GLY B 27 9.73 -10.95 20.43
CA GLY B 27 10.38 -12.17 19.99
C GLY B 27 11.76 -11.90 19.41
N GLY B 28 12.14 -10.63 19.37
CA GLY B 28 13.43 -10.25 18.84
C GLY B 28 13.49 -10.31 17.32
N THR B 29 12.33 -10.36 16.67
CA THR B 29 12.28 -10.44 15.22
C THR B 29 10.90 -10.11 14.65
N PHE B 30 10.88 -9.59 13.43
CA PHE B 30 9.64 -9.25 12.76
C PHE B 30 9.10 -10.46 12.03
N SER B 31 10.01 -11.37 11.68
CA SER B 31 9.63 -12.58 10.94
C SER B 31 8.89 -12.08 9.71
N MET B 32 7.79 -12.73 9.35
CA MET B 32 7.03 -12.30 8.18
C MET B 32 5.73 -11.61 8.58
N TYR B 33 5.67 -11.14 9.82
CA TYR B 33 4.48 -10.49 10.33
C TYR B 33 4.32 -9.06 9.84
N GLY B 34 3.06 -8.63 9.74
CA GLY B 34 2.75 -7.27 9.35
C GLY B 34 2.34 -6.60 10.65
N PHE B 35 2.63 -5.30 10.77
CA PHE B 35 2.26 -4.58 11.98
C PHE B 35 1.35 -3.44 11.57
N ASN B 36 0.15 -3.45 12.13
CA ASN B 36 -0.88 -2.45 11.84
C ASN B 36 -1.23 -1.62 13.04
N TRP B 37 -1.84 -0.47 12.78
CA TRP B 37 -2.29 0.43 13.83
C TRP B 37 -3.79 0.62 13.67
N VAL B 38 -4.52 0.35 14.75
CA VAL B 38 -5.97 0.46 14.78
C VAL B 38 -6.28 1.35 15.96
N ARG B 39 -7.08 2.39 15.77
CA ARG B 39 -7.39 3.26 16.89
C ARG B 39 -8.83 3.17 17.35
N GLN B 40 -9.06 3.62 18.58
CA GLN B 40 -10.39 3.58 19.18
C GLN B 40 -10.60 4.75 20.14
N ALA B 41 -11.55 5.62 19.82
CA ALA B 41 -11.84 6.73 20.71
C ALA B 41 -12.51 6.08 21.91
N PRO B 42 -12.13 6.49 23.14
CA PRO B 42 -12.73 5.89 24.33
C PRO B 42 -14.26 5.87 24.27
N GLY B 43 -14.83 4.68 24.44
CA GLY B 43 -16.28 4.53 24.41
C GLY B 43 -16.83 4.24 23.02
N HIS B 44 -15.94 4.19 22.03
CA HIS B 44 -16.37 3.94 20.67
C HIS B 44 -15.69 2.78 19.97
N GLY B 45 -15.87 2.72 18.66
CA GLY B 45 -15.34 1.62 17.87
C GLY B 45 -13.90 1.64 17.40
N LEU B 46 -13.57 0.66 16.57
CA LEU B 46 -12.24 0.48 16.01
C LEU B 46 -12.13 0.99 14.59
N GLU B 47 -10.97 1.54 14.23
CA GLU B 47 -10.76 1.98 12.86
C GLU B 47 -9.30 1.75 12.48
N TRP B 48 -9.11 1.07 11.35
CA TRP B 48 -7.78 0.75 10.84
C TRP B 48 -7.13 2.01 10.28
N MET B 49 -5.87 2.23 10.60
CA MET B 49 -5.16 3.40 10.10
C MET B 49 -4.15 3.07 9.02
N GLY B 50 -3.44 1.97 9.20
CA GLY B 50 -2.45 1.60 8.22
C GLY B 50 -1.49 0.59 8.82
N GLY B 51 -0.46 0.24 8.06
CA GLY B 51 0.48 -0.72 8.58
C GLY B 51 1.69 -0.90 7.70
N ILE B 52 2.60 -1.77 8.14
CA ILE B 52 3.81 -2.04 7.38
C ILE B 52 4.23 -3.49 7.61
N ILE B 53 4.68 -4.15 6.54
CA ILE B 53 5.17 -5.51 6.62
C ILE B 53 6.67 -5.36 6.39
N PRO B 54 7.47 -5.34 7.48
CA PRO B 54 8.92 -5.17 7.41
C PRO B 54 9.65 -6.06 6.39
N ILE B 55 9.42 -7.35 6.43
CA ILE B 55 10.10 -8.28 5.52
C ILE B 55 9.97 -7.91 4.04
N PHE B 56 8.83 -7.33 3.66
CA PHE B 56 8.62 -6.94 2.28
C PHE B 56 8.79 -5.45 2.04
N GLY B 57 8.94 -4.69 3.13
CA GLY B 57 9.09 -3.26 2.99
C GLY B 57 7.86 -2.61 2.41
N THR B 58 6.71 -3.26 2.62
CA THR B 58 5.43 -2.77 2.11
C THR B 58 4.64 -2.03 3.19
N SER B 59 4.14 -0.85 2.85
CA SER B 59 3.35 -0.06 3.78
C SER B 59 2.22 0.67 3.05
N ASN B 60 1.07 0.81 3.72
CA ASN B 60 -0.06 1.53 3.14
C ASN B 60 -1.00 1.94 4.28
N TYR B 61 -2.02 2.71 3.95
CA TYR B 61 -2.93 3.18 5.00
C TYR B 61 -4.31 3.58 4.47
N ALA B 62 -5.14 4.10 5.37
CA ALA B 62 -6.47 4.55 5.01
C ALA B 62 -6.38 5.99 4.52
N GLN B 63 -7.08 6.27 3.42
CA GLN B 63 -7.11 7.61 2.83
C GLN B 63 -7.48 8.70 3.83
N LYS B 64 -8.27 8.33 4.83
CA LYS B 64 -8.68 9.28 5.85
C LYS B 64 -7.45 9.97 6.44
N PHE B 65 -6.33 9.25 6.47
CA PHE B 65 -5.09 9.78 7.04
C PHE B 65 -4.01 10.18 6.06
N ARG B 66 -4.35 10.27 4.78
CA ARG B 66 -3.38 10.64 3.76
C ARG B 66 -2.69 11.97 4.10
N GLY B 67 -1.38 11.98 3.99
CA GLY B 67 -0.62 13.19 4.29
C GLY B 67 -0.37 13.42 5.76
N ARG B 68 -0.92 12.56 6.62
CA ARG B 68 -0.73 12.70 8.06
C ARG B 68 0.02 11.54 8.73
N VAL B 69 0.17 10.42 8.02
CA VAL B 69 0.84 9.25 8.61
C VAL B 69 2.06 8.70 7.89
N THR B 70 2.99 8.18 8.69
CA THR B 70 4.22 7.57 8.18
C THR B 70 4.45 6.30 8.99
N PHE B 71 4.85 5.23 8.31
CA PHE B 71 5.09 3.95 8.96
C PHE B 71 6.52 3.50 8.68
N THR B 72 7.23 3.12 9.74
CA THR B 72 8.61 2.66 9.60
C THR B 72 8.86 1.50 10.55
N ALA B 73 9.97 0.79 10.35
CA ALA B 73 10.29 -0.34 11.19
C ALA B 73 11.80 -0.50 11.27
N ASP B 74 12.30 -0.73 12.49
CA ASP B 74 13.73 -0.90 12.69
C ASP B 74 14.05 -2.34 13.11
N GLN B 75 14.74 -3.05 12.23
CA GLN B 75 15.11 -4.44 12.49
C GLN B 75 16.00 -4.55 13.72
N ALA B 76 16.92 -3.60 13.86
CA ALA B 76 17.85 -3.59 14.99
C ALA B 76 17.14 -3.73 16.33
N THR B 77 16.06 -2.98 16.50
CA THR B 77 15.30 -3.00 17.75
C THR B 77 14.00 -3.78 17.69
N SER B 78 13.71 -4.40 16.53
CA SER B 78 12.48 -5.16 16.35
C SER B 78 11.29 -4.28 16.76
N THR B 79 11.36 -3.00 16.41
CA THR B 79 10.30 -2.07 16.74
C THR B 79 9.72 -1.39 15.51
N ALA B 80 8.39 -1.31 15.45
CA ALA B 80 7.70 -0.67 14.32
C ALA B 80 7.11 0.64 14.85
N TYR B 81 7.04 1.66 13.99
CA TYR B 81 6.51 2.96 14.42
C TYR B 81 5.49 3.57 13.49
N MET B 82 4.59 4.37 14.06
CA MET B 82 3.63 5.10 13.27
C MET B 82 3.66 6.54 13.77
N GLU B 83 3.81 7.48 12.85
CA GLU B 83 3.82 8.88 13.22
C GLU B 83 2.57 9.51 12.65
N LEU B 84 1.83 10.22 13.49
CA LEU B 84 0.60 10.90 13.06
C LEU B 84 0.84 12.38 13.31
N THR B 85 0.71 13.20 12.28
CA THR B 85 0.95 14.63 12.40
C THR B 85 -0.29 15.51 12.39
N ASN B 86 -0.09 16.79 12.67
CA ASN B 86 -1.15 17.79 12.68
C ASN B 86 -2.34 17.28 13.50
N LEU B 87 -2.04 16.87 14.74
CA LEU B 87 -3.04 16.35 15.65
C LEU B 87 -4.14 17.34 16.02
N ARG B 88 -5.36 16.81 16.13
CA ARG B 88 -6.51 17.61 16.53
C ARG B 88 -7.22 16.82 17.63
N SER B 89 -8.14 17.47 18.32
CA SER B 89 -8.86 16.82 19.41
C SER B 89 -9.51 15.49 19.03
N ASP B 90 -9.98 15.35 17.79
CA ASP B 90 -10.63 14.10 17.40
C ASP B 90 -9.65 12.96 17.09
N ASP B 91 -8.37 13.21 17.34
CA ASP B 91 -7.36 12.16 17.15
C ASP B 91 -7.12 11.52 18.51
N THR B 92 -7.85 11.99 19.53
CA THR B 92 -7.73 11.44 20.87
C THR B 92 -8.26 10.02 20.77
N ALA B 93 -7.41 9.05 21.11
CA ALA B 93 -7.82 7.65 21.03
C ALA B 93 -6.77 6.71 21.56
N VAL B 94 -7.18 5.47 21.77
CA VAL B 94 -6.26 4.43 22.20
C VAL B 94 -5.76 3.90 20.87
N TYR B 95 -4.45 3.97 20.67
CA TYR B 95 -3.83 3.47 19.44
C TYR B 95 -3.27 2.09 19.72
N TYR B 96 -3.84 1.10 19.04
CA TYR B 96 -3.43 -0.29 19.20
C TYR B 96 -2.50 -0.78 18.12
N CYS B 97 -1.49 -1.53 18.52
CA CYS B 97 -0.58 -2.13 17.56
C CYS B 97 -1.24 -3.48 17.35
N ALA B 98 -1.45 -3.88 16.10
CA ALA B 98 -2.09 -5.16 15.82
C ALA B 98 -1.28 -5.91 14.78
N ARG B 99 -0.88 -7.13 15.13
CA ARG B 99 -0.07 -7.96 14.25
C ARG B 99 -0.86 -8.86 13.32
N ASP B 100 -0.42 -8.95 12.05
CA ASP B 100 -1.05 -9.82 11.06
C ASP B 100 0.03 -10.67 10.40
N PHE B 101 -0.37 -11.81 9.86
CA PHE B 101 0.58 -12.72 9.20
C PHE B 101 0.01 -13.19 7.87
N GLY B 102 0.86 -13.83 7.06
CA GLY B 102 0.40 -14.31 5.77
C GLY B 102 1.03 -15.61 5.31
N PRO B 103 0.41 -16.76 5.64
CA PRO B 103 0.94 -18.07 5.23
C PRO B 103 0.53 -18.31 3.78
N ASP B 104 1.27 -17.70 2.85
CA ASP B 104 0.94 -17.85 1.44
C ASP B 104 1.86 -18.82 0.71
N TRP B 105 2.19 -19.90 1.39
CA TRP B 105 3.01 -20.96 0.84
C TRP B 105 4.44 -20.50 0.55
N GLU B 106 4.92 -19.60 1.42
CA GLU B 106 6.27 -19.02 1.37
C GLU B 106 6.39 -17.61 0.80
N ASP B 107 5.26 -16.95 0.59
CA ASP B 107 5.27 -15.58 0.06
C ASP B 107 4.36 -14.65 0.85
N GLY B 108 4.31 -13.39 0.42
CA GLY B 108 3.49 -12.40 1.10
C GLY B 108 2.01 -12.69 1.08
N ASP B 109 1.47 -12.91 -0.11
CA ASP B 109 0.04 -13.19 -0.26
C ASP B 109 -0.27 -13.68 -1.66
N SER B 110 -0.69 -14.94 -1.79
CA SER B 110 -1.01 -15.48 -3.12
C SER B 110 -1.93 -16.70 -3.23
N TYR B 111 -2.67 -17.08 -2.18
CA TYR B 111 -3.54 -18.25 -2.36
C TYR B 111 -4.49 -18.67 -1.22
N ASP B 112 -4.90 -19.93 -1.28
CA ASP B 112 -5.81 -20.59 -0.33
C ASP B 112 -7.17 -19.94 -0.06
N GLY B 113 -7.23 -18.62 -0.15
CA GLY B 113 -8.48 -17.92 0.09
C GLY B 113 -8.31 -16.46 0.49
N SER B 114 -8.32 -16.18 1.79
CA SER B 114 -8.16 -14.80 2.30
C SER B 114 -6.73 -14.62 2.80
N GLY B 115 -6.21 -13.40 2.76
CA GLY B 115 -4.84 -13.15 3.18
C GLY B 115 -4.55 -12.62 4.57
N ARG B 116 -3.70 -11.59 4.61
CA ARG B 116 -3.23 -10.92 5.84
C ARG B 116 -4.07 -9.77 6.37
N GLY B 117 -5.38 -9.83 6.31
CA GLY B 117 -6.11 -8.68 6.80
C GLY B 117 -6.56 -8.70 8.26
N PHE B 118 -6.43 -9.85 8.93
CA PHE B 118 -6.85 -9.96 10.32
C PHE B 118 -5.70 -9.91 11.30
N PHE B 119 -6.01 -9.56 12.54
CA PHE B 119 -4.98 -9.40 13.57
C PHE B 119 -5.13 -10.37 14.72
N ASP B 120 -4.16 -11.29 14.81
CA ASP B 120 -4.17 -12.32 15.83
C ASP B 120 -3.51 -11.94 17.15
N PHE B 121 -2.82 -10.81 17.17
CA PHE B 121 -2.18 -10.35 18.40
C PHE B 121 -2.20 -8.83 18.50
N TRP B 122 -2.71 -8.33 19.61
CA TRP B 122 -2.81 -6.89 19.82
C TRP B 122 -1.98 -6.43 21.02
N GLY B 123 -1.48 -5.21 20.94
CA GLY B 123 -0.72 -4.65 22.05
C GLY B 123 -1.75 -4.09 23.03
N GLN B 124 -1.29 -3.65 24.19
CA GLN B 124 -2.19 -3.11 25.21
C GLN B 124 -2.78 -1.75 24.87
N GLY B 125 -2.26 -1.11 23.83
CA GLY B 125 -2.78 0.18 23.43
C GLY B 125 -2.04 1.35 24.03
N THR B 126 -2.05 2.48 23.31
CA THR B 126 -1.40 3.70 23.76
C THR B 126 -2.45 4.81 23.63
N LEU B 127 -2.93 5.32 24.77
CA LEU B 127 -3.91 6.38 24.72
C LEU B 127 -3.24 7.72 24.55
N VAL B 128 -3.48 8.33 23.39
CA VAL B 128 -2.94 9.64 23.08
C VAL B 128 -4.09 10.62 23.20
N THR B 129 -3.94 11.60 24.09
CA THR B 129 -4.97 12.62 24.29
C THR B 129 -4.45 13.91 23.67
N VAL B 130 -5.23 14.47 22.74
CA VAL B 130 -4.83 15.73 22.09
C VAL B 130 -5.55 16.85 22.82
N SER B 131 -4.79 17.63 23.57
CA SER B 131 -5.37 18.72 24.35
C SER B 131 -4.35 19.82 24.55
N SER B 132 -4.83 21.04 24.77
CA SER B 132 -3.92 22.16 25.02
C SER B 132 -3.59 22.24 26.51
N ALA B 133 -4.31 21.47 27.32
CA ALA B 133 -4.09 21.47 28.76
C ALA B 133 -2.90 20.57 29.13
N SER B 134 -2.13 20.99 30.12
CA SER B 134 -0.95 20.21 30.50
C SER B 134 -1.30 19.02 31.40
N THR B 135 -0.43 18.02 31.39
CA THR B 135 -0.65 16.83 32.21
C THR B 135 -0.53 17.15 33.69
N LYS B 136 -1.18 16.35 34.53
CA LYS B 136 -1.12 16.52 35.98
C LYS B 136 -1.21 15.14 36.61
N GLY B 137 -0.21 14.79 37.42
CA GLY B 137 -0.20 13.50 38.08
C GLY B 137 -1.26 13.42 39.16
N PRO B 138 -1.68 12.20 39.56
CA PRO B 138 -2.71 12.00 40.58
C PRO B 138 -2.25 12.12 42.03
N SER B 139 -3.19 12.48 42.89
CA SER B 139 -2.97 12.53 44.33
C SER B 139 -3.67 11.24 44.76
N VAL B 140 -2.97 10.38 45.48
CA VAL B 140 -3.54 9.11 45.90
C VAL B 140 -3.80 9.08 47.41
N PHE B 141 -5.05 8.87 47.79
CA PHE B 141 -5.43 8.81 49.20
C PHE B 141 -5.95 7.43 49.55
N PRO B 142 -5.73 7.00 50.80
CA PRO B 142 -6.24 5.68 51.16
C PRO B 142 -7.72 5.65 51.50
N LEU B 143 -8.33 4.51 51.22
CA LEU B 143 -9.72 4.26 51.60
C LEU B 143 -9.42 3.15 52.60
N ALA B 144 -9.05 3.56 53.81
CA ALA B 144 -8.66 2.64 54.86
C ALA B 144 -9.76 1.72 55.36
N PRO B 145 -9.43 0.43 55.56
CA PRO B 145 -10.47 -0.48 56.05
C PRO B 145 -10.73 -0.14 57.51
N SER B 146 -11.98 -0.22 57.94
CA SER B 146 -12.34 0.07 59.33
C SER B 146 -13.57 -0.73 59.69
N SER B 147 -14.08 -0.50 60.89
CA SER B 147 -15.27 -1.18 61.36
C SER B 147 -16.46 -0.78 60.49
N LYS B 148 -16.31 0.32 59.75
CA LYS B 148 -17.36 0.83 58.89
C LYS B 148 -17.26 0.29 57.46
N SER B 149 -16.27 -0.55 57.20
CA SER B 149 -16.11 -1.13 55.87
C SER B 149 -15.91 -2.63 55.98
N THR B 150 -16.57 -3.24 56.97
CA THR B 150 -16.47 -4.69 57.15
C THR B 150 -17.85 -5.32 57.02
N SER B 151 -17.86 -6.59 56.62
CA SER B 151 -19.08 -7.36 56.45
C SER B 151 -18.68 -8.81 56.67
N GLY B 152 -19.19 -9.42 57.74
CA GLY B 152 -18.83 -10.79 58.02
C GLY B 152 -17.36 -10.82 58.37
N GLY B 153 -16.61 -11.70 57.72
CA GLY B 153 -15.18 -11.78 57.99
C GLY B 153 -14.45 -11.11 56.84
N THR B 154 -15.11 -10.15 56.20
CA THR B 154 -14.55 -9.43 55.06
C THR B 154 -14.43 -7.92 55.29
N ALA B 155 -13.33 -7.33 54.82
CA ALA B 155 -13.13 -5.90 54.95
C ALA B 155 -12.85 -5.32 53.57
N ALA B 156 -13.38 -4.13 53.30
CA ALA B 156 -13.15 -3.47 52.02
C ALA B 156 -12.17 -2.34 52.27
N LEU B 157 -11.32 -2.09 51.29
CA LEU B 157 -10.36 -1.00 51.36
C LEU B 157 -10.01 -0.62 49.94
N GLY B 158 -9.24 0.45 49.78
CA GLY B 158 -8.89 0.85 48.44
C GLY B 158 -8.09 2.11 48.40
N CYS B 159 -8.02 2.68 47.20
CA CYS B 159 -7.29 3.92 46.95
C CYS B 159 -8.13 4.88 46.12
N LEU B 160 -8.15 6.13 46.53
CA LEU B 160 -8.85 7.19 45.82
C LEU B 160 -7.77 7.90 45.00
N VAL B 161 -7.91 7.88 43.68
CA VAL B 161 -6.94 8.48 42.75
C VAL B 161 -7.57 9.78 42.25
N LYS B 162 -7.14 10.89 42.85
CA LYS B 162 -7.71 12.20 42.56
C LYS B 162 -6.95 13.20 41.72
N ASP B 163 -7.74 14.02 41.02
CA ASP B 163 -7.26 15.13 40.21
C ASP B 163 -6.08 14.94 39.27
N TYR B 164 -6.24 14.07 38.27
CA TYR B 164 -5.17 13.84 37.31
C TYR B 164 -5.69 14.18 35.92
N PHE B 165 -4.77 14.33 34.97
CA PHE B 165 -5.12 14.63 33.59
C PHE B 165 -3.92 14.36 32.70
N PRO B 166 -4.15 13.71 31.56
CA PRO B 166 -5.46 13.24 31.10
C PRO B 166 -5.55 11.75 31.47
N GLU B 167 -6.45 11.01 30.85
CA GLU B 167 -6.53 9.57 31.09
C GLU B 167 -5.31 9.00 30.36
N PRO B 168 -4.92 7.76 30.67
CA PRO B 168 -5.54 6.87 31.65
C PRO B 168 -4.67 6.64 32.87
N VAL B 169 -5.26 5.98 33.85
CA VAL B 169 -4.57 5.60 35.07
C VAL B 169 -4.83 4.10 35.17
N THR B 170 -3.80 3.33 35.50
CA THR B 170 -3.99 1.90 35.69
C THR B 170 -3.67 1.64 37.14
N VAL B 171 -4.39 0.69 37.74
CA VAL B 171 -4.17 0.35 39.14
C VAL B 171 -4.04 -1.15 39.35
N SER B 172 -3.02 -1.55 40.08
CA SER B 172 -2.85 -2.96 40.41
C SER B 172 -2.74 -2.97 41.93
N TRP B 173 -2.81 -4.16 42.52
CA TRP B 173 -2.69 -4.30 43.96
C TRP B 173 -1.55 -5.28 44.26
N ASN B 174 -0.68 -4.89 45.18
CA ASN B 174 0.47 -5.70 45.56
C ASN B 174 1.23 -6.17 44.32
N SER B 175 1.44 -5.23 43.41
CA SER B 175 2.17 -5.47 42.19
C SER B 175 1.60 -6.59 41.33
N GLY B 176 0.29 -6.78 41.41
CA GLY B 176 -0.35 -7.82 40.62
C GLY B 176 -0.57 -9.12 41.36
N ALA B 177 -0.05 -9.22 42.58
CA ALA B 177 -0.22 -10.44 43.38
C ALA B 177 -1.64 -10.54 43.93
N LEU B 178 -2.36 -9.43 43.93
CA LEU B 178 -3.73 -9.40 44.41
C LEU B 178 -4.67 -8.99 43.27
N THR B 179 -5.51 -9.91 42.83
CA THR B 179 -6.43 -9.63 41.74
C THR B 179 -7.89 -9.92 42.10
N SER B 180 -8.09 -10.95 42.91
CA SER B 180 -9.44 -11.34 43.31
C SER B 180 -10.13 -10.33 44.21
N GLY B 181 -11.34 -9.93 43.83
CA GLY B 181 -12.09 -8.98 44.63
C GLY B 181 -11.82 -7.54 44.30
N VAL B 182 -10.90 -7.30 43.36
CA VAL B 182 -10.55 -5.94 42.99
C VAL B 182 -11.56 -5.31 42.02
N HIS B 183 -11.98 -4.08 42.32
CA HIS B 183 -12.90 -3.35 41.45
C HIS B 183 -12.33 -1.95 41.25
N THR B 184 -11.94 -1.64 40.02
CA THR B 184 -11.41 -0.33 39.71
C THR B 184 -12.47 0.37 38.89
N PHE B 185 -13.00 1.46 39.43
CA PHE B 185 -14.05 2.23 38.80
C PHE B 185 -13.59 3.10 37.64
N PRO B 186 -14.48 3.31 36.66
CA PRO B 186 -14.08 4.15 35.54
C PRO B 186 -13.98 5.55 36.12
N ALA B 187 -13.08 6.35 35.55
CA ALA B 187 -12.88 7.71 36.04
C ALA B 187 -14.08 8.60 35.74
N VAL B 188 -14.23 9.65 36.54
CA VAL B 188 -15.28 10.62 36.33
C VAL B 188 -14.56 11.93 36.06
N LEU B 189 -15.10 12.75 35.17
CA LEU B 189 -14.49 14.04 34.87
C LEU B 189 -15.19 15.02 35.79
N GLN B 190 -14.44 15.55 36.75
CA GLN B 190 -14.99 16.49 37.73
C GLN B 190 -15.20 17.86 37.09
N SER B 191 -15.92 18.72 37.80
CA SER B 191 -16.19 20.07 37.31
C SER B 191 -14.90 20.83 37.02
N SER B 192 -13.82 20.47 37.72
CA SER B 192 -12.52 21.10 37.55
C SER B 192 -11.82 20.73 36.25
N GLY B 193 -12.38 19.76 35.53
CA GLY B 193 -11.76 19.33 34.30
C GLY B 193 -10.69 18.26 34.53
N LEU B 194 -10.55 17.83 35.78
CA LEU B 194 -9.58 16.80 36.14
C LEU B 194 -10.32 15.51 36.44
N TYR B 195 -9.67 14.39 36.19
CA TYR B 195 -10.26 13.08 36.43
C TYR B 195 -10.06 12.56 37.85
N SER B 196 -10.93 11.63 38.23
CA SER B 196 -10.88 11.00 39.53
C SER B 196 -11.46 9.60 39.42
N LEU B 197 -10.83 8.64 40.10
CA LEU B 197 -11.32 7.29 40.12
C LEU B 197 -10.88 6.67 41.42
N SER B 198 -11.37 5.47 41.68
CA SER B 198 -10.97 4.79 42.89
C SER B 198 -10.88 3.32 42.56
N SER B 199 -10.11 2.60 43.36
CA SER B 199 -9.95 1.18 43.18
C SER B 199 -10.13 0.58 44.54
N VAL B 200 -10.99 -0.43 44.64
CA VAL B 200 -11.24 -1.09 45.90
C VAL B 200 -10.99 -2.57 45.79
N VAL B 201 -10.87 -3.21 46.95
CA VAL B 201 -10.65 -4.65 47.02
C VAL B 201 -11.21 -5.10 48.36
N THR B 202 -11.75 -6.32 48.39
CA THR B 202 -12.28 -6.88 49.62
C THR B 202 -11.35 -8.02 49.98
N VAL B 203 -10.98 -8.10 51.25
CA VAL B 203 -10.06 -9.12 51.73
C VAL B 203 -10.50 -9.65 53.09
N PRO B 204 -9.88 -10.74 53.55
CA PRO B 204 -10.27 -11.29 54.86
C PRO B 204 -9.88 -10.31 55.96
N SER B 205 -10.82 -9.97 56.84
CA SER B 205 -10.54 -9.06 57.94
C SER B 205 -9.34 -9.55 58.75
N SER B 206 -9.22 -10.87 58.89
CA SER B 206 -8.14 -11.47 59.67
C SER B 206 -6.75 -11.22 59.07
N SER B 207 -6.71 -10.79 57.82
CA SER B 207 -5.42 -10.54 57.17
C SER B 207 -4.90 -9.12 57.36
N LEU B 208 -5.77 -8.22 57.80
CA LEU B 208 -5.41 -6.82 57.98
C LEU B 208 -4.20 -6.53 58.87
N GLY B 209 -3.91 -7.41 59.81
CA GLY B 209 -2.76 -7.17 60.68
C GLY B 209 -1.49 -7.87 60.22
N THR B 210 -1.60 -8.75 59.25
CA THR B 210 -0.43 -9.49 58.77
C THR B 210 -0.07 -9.22 57.32
N GLN B 211 -1.08 -8.97 56.49
CA GLN B 211 -0.86 -8.74 55.07
C GLN B 211 -0.83 -7.26 54.69
N THR B 212 0.25 -6.87 54.02
CA THR B 212 0.40 -5.51 53.53
C THR B 212 -0.40 -5.38 52.25
N TYR B 213 -1.09 -4.25 52.11
CA TYR B 213 -1.89 -3.97 50.92
C TYR B 213 -1.45 -2.63 50.34
N ILE B 214 -0.96 -2.68 49.11
CA ILE B 214 -0.47 -1.50 48.43
C ILE B 214 -1.07 -1.40 47.05
N CYS B 215 -1.61 -0.23 46.71
CA CYS B 215 -2.16 -0.04 45.37
C CYS B 215 -1.06 0.62 44.55
N ASN B 216 -0.89 0.16 43.32
CA ASN B 216 0.13 0.68 42.41
C ASN B 216 -0.60 1.47 41.33
N VAL B 217 -0.48 2.78 41.40
CA VAL B 217 -1.16 3.68 40.47
C VAL B 217 -0.20 4.20 39.42
N ASN B 218 -0.47 3.88 38.15
CA ASN B 218 0.39 4.30 37.06
C ASN B 218 -0.30 5.37 36.22
N HIS B 219 0.36 6.50 36.01
CA HIS B 219 -0.17 7.58 35.17
C HIS B 219 0.93 7.95 34.18
N LYS B 220 1.02 7.19 33.10
CA LYS B 220 2.04 7.40 32.08
C LYS B 220 2.09 8.79 31.48
N PRO B 221 0.93 9.44 31.28
CA PRO B 221 0.97 10.79 30.70
C PRO B 221 1.84 11.77 31.47
N SER B 222 1.93 11.61 32.79
CA SER B 222 2.75 12.52 33.58
C SER B 222 4.04 11.84 34.05
N ASN B 223 4.30 10.64 33.52
CA ASN B 223 5.51 9.90 33.91
C ASN B 223 5.55 9.64 35.41
N THR B 224 4.39 9.37 35.98
CA THR B 224 4.28 9.12 37.41
C THR B 224 3.74 7.74 37.76
N LYS B 225 4.32 7.14 38.80
CA LYS B 225 3.85 5.88 39.32
C LYS B 225 3.79 6.11 40.82
N VAL B 226 2.64 5.85 41.43
CA VAL B 226 2.50 6.06 42.87
C VAL B 226 2.08 4.78 43.58
N ASP B 227 2.83 4.38 44.60
CA ASP B 227 2.45 3.21 45.39
C ASP B 227 1.93 3.78 46.70
N LYS B 228 0.79 3.28 47.14
CA LYS B 228 0.19 3.75 48.38
C LYS B 228 -0.20 2.56 49.26
N LYS B 229 0.46 2.45 50.42
CA LYS B 229 0.13 1.38 51.34
C LYS B 229 -1.13 1.81 52.07
N VAL B 230 -2.09 0.89 52.16
CA VAL B 230 -3.36 1.17 52.80
C VAL B 230 -3.51 0.29 54.03
N GLU B 231 -3.69 0.91 55.20
CA GLU B 231 -3.81 0.16 56.43
C GLU B 231 -4.91 0.70 57.34
N PRO B 232 -5.32 -0.09 58.34
CA PRO B 232 -6.36 0.37 59.27
C PRO B 232 -5.86 1.66 59.92
N LYS B 233 -6.75 2.63 60.09
CA LYS B 233 -6.37 3.91 60.70
C LYS B 233 -6.25 3.76 62.21
N SER B 234 -5.28 4.47 62.79
CA SER B 234 -5.08 4.40 64.24
C SER B 234 -6.10 5.29 64.93
N CYS B 235 -6.53 4.86 66.12
CA CYS B 235 -7.50 5.61 66.88
C CYS B 235 -6.79 6.59 67.82
N GLU C 1 4.69 17.53 -54.38
CA GLU C 1 4.48 16.08 -54.09
C GLU C 1 3.08 15.83 -53.56
N LEU C 2 2.65 14.57 -53.62
CA LEU C 2 1.33 14.20 -53.14
C LEU C 2 1.34 14.15 -51.62
N VAL C 3 0.52 14.99 -51.00
CA VAL C 3 0.44 15.06 -49.55
C VAL C 3 -0.67 14.18 -48.99
N LEU C 4 -0.29 13.27 -48.09
CA LEU C 4 -1.26 12.37 -47.47
C LEU C 4 -1.58 12.85 -46.06
N THR C 5 -2.86 13.10 -45.80
CA THR C 5 -3.29 13.55 -44.50
C THR C 5 -4.14 12.47 -43.82
N GLN C 6 -3.67 12.00 -42.67
CA GLN C 6 -4.38 10.98 -41.93
C GLN C 6 -5.13 11.59 -40.75
N SER C 7 -6.25 10.99 -40.41
CA SER C 7 -7.06 11.44 -39.29
C SER C 7 -7.85 10.26 -38.74
N PRO C 8 -8.07 10.25 -37.42
CA PRO C 8 -7.59 11.30 -36.51
C PRO C 8 -6.11 11.07 -36.20
N GLY C 9 -5.49 12.06 -35.58
CA GLY C 9 -4.09 11.93 -35.21
C GLY C 9 -3.94 10.81 -34.20
N THR C 10 -4.85 10.77 -33.23
CA THR C 10 -4.84 9.74 -32.20
C THR C 10 -6.23 9.16 -32.08
N LEU C 11 -6.29 7.84 -31.93
CA LEU C 11 -7.55 7.15 -31.79
C LEU C 11 -7.50 6.32 -30.52
N SER C 12 -8.42 6.59 -29.59
CA SER C 12 -8.46 5.86 -28.33
C SER C 12 -9.75 5.04 -28.28
N LEU C 13 -9.59 3.72 -28.31
CA LEU C 13 -10.72 2.80 -28.30
C LEU C 13 -10.45 1.63 -27.37
N SER C 14 -11.51 0.92 -27.01
CA SER C 14 -11.38 -0.26 -26.16
C SER C 14 -11.36 -1.48 -27.07
N ALA C 15 -10.95 -2.61 -26.52
CA ALA C 15 -10.90 -3.84 -27.30
C ALA C 15 -12.32 -4.21 -27.69
N GLY C 16 -12.48 -4.74 -28.90
CA GLY C 16 -13.80 -5.13 -29.37
C GLY C 16 -14.49 -4.09 -30.22
N GLU C 17 -14.08 -2.83 -30.10
CA GLU C 17 -14.68 -1.75 -30.88
C GLU C 17 -14.09 -1.72 -32.29
N ARG C 18 -14.73 -0.97 -33.18
CA ARG C 18 -14.23 -0.90 -34.55
C ARG C 18 -13.42 0.37 -34.73
N ALA C 19 -12.29 0.24 -35.41
CA ALA C 19 -11.43 1.37 -35.68
C ALA C 19 -11.53 1.77 -37.15
N THR C 20 -11.69 3.07 -37.39
CA THR C 20 -11.80 3.59 -38.74
C THR C 20 -10.72 4.65 -38.93
N LEU C 21 -9.73 4.34 -39.76
CA LEU C 21 -8.64 5.26 -40.02
C LEU C 21 -8.77 5.85 -41.42
N SER C 22 -8.64 7.16 -41.49
CA SER C 22 -8.75 7.88 -42.75
C SER C 22 -7.43 8.39 -43.28
N CYS C 23 -7.30 8.33 -44.61
CA CYS C 23 -6.11 8.81 -45.30
C CYS C 23 -6.62 9.52 -46.55
N ARG C 24 -6.36 10.82 -46.63
CA ARG C 24 -6.78 11.61 -47.77
C ARG C 24 -5.59 12.21 -48.49
N ALA C 25 -5.61 12.14 -49.81
CA ALA C 25 -4.51 12.65 -50.63
C ALA C 25 -4.81 14.00 -51.27
N SER C 26 -3.75 14.80 -51.45
CA SER C 26 -3.88 16.12 -52.05
C SER C 26 -4.20 15.98 -53.54
N GLN C 27 -3.79 14.86 -54.12
CA GLN C 27 -4.03 14.57 -55.53
C GLN C 27 -4.53 13.15 -55.66
N SER C 28 -5.11 12.82 -56.81
CA SER C 28 -5.61 11.48 -57.02
C SER C 28 -4.44 10.50 -57.00
N VAL C 29 -4.60 9.42 -56.26
CA VAL C 29 -3.56 8.39 -56.17
C VAL C 29 -3.81 7.45 -57.33
N SER C 30 -2.90 7.43 -58.29
CA SER C 30 -3.07 6.60 -59.48
C SER C 30 -3.12 5.09 -59.23
N SER C 31 -4.10 4.45 -59.87
CA SER C 31 -4.30 3.01 -59.80
C SER C 31 -4.50 2.42 -58.40
N GLY C 32 -5.04 3.22 -57.49
CA GLY C 32 -5.26 2.73 -56.13
C GLY C 32 -3.98 2.25 -55.47
N SER C 33 -2.86 2.85 -55.85
CA SER C 33 -1.57 2.47 -55.26
C SER C 33 -1.42 3.06 -53.87
N LEU C 34 -2.24 2.58 -52.94
CA LEU C 34 -2.23 3.05 -51.55
C LEU C 34 -2.03 1.86 -50.63
N ALA C 35 -1.02 1.92 -49.76
CA ALA C 35 -0.75 0.84 -48.82
C ALA C 35 -0.89 1.33 -47.38
N TRP C 36 -1.11 0.37 -46.47
CA TRP C 36 -1.23 0.66 -45.05
C TRP C 36 -0.20 -0.17 -44.29
N TYR C 37 0.46 0.44 -43.31
CA TYR C 37 1.45 -0.23 -42.50
C TYR C 37 1.10 -0.12 -41.03
N GLN C 38 1.52 -1.11 -40.25
CA GLN C 38 1.28 -1.11 -38.82
C GLN C 38 2.65 -1.13 -38.16
N GLN C 39 2.88 -0.23 -37.21
CA GLN C 39 4.16 -0.22 -36.51
C GLN C 39 3.90 -0.29 -35.01
N LYS C 40 4.11 -1.49 -34.45
CA LYS C 40 3.91 -1.70 -33.02
C LYS C 40 5.10 -1.15 -32.25
N PRO C 41 4.94 -0.91 -30.95
CA PRO C 41 6.02 -0.37 -30.12
C PRO C 41 7.34 -1.13 -30.30
N GLY C 42 8.41 -0.38 -30.57
CA GLY C 42 9.71 -0.99 -30.75
C GLY C 42 9.91 -1.93 -31.93
N GLN C 43 9.02 -1.89 -32.91
CA GLN C 43 9.16 -2.78 -34.06
C GLN C 43 9.23 -2.00 -35.37
N ALA C 44 9.66 -2.68 -36.42
CA ALA C 44 9.74 -2.08 -37.74
C ALA C 44 8.32 -2.14 -38.32
N PRO C 45 8.01 -1.29 -39.30
CA PRO C 45 6.67 -1.30 -39.90
C PRO C 45 6.35 -2.63 -40.55
N ARG C 46 5.06 -2.94 -40.66
CA ARG C 46 4.61 -4.19 -41.26
C ARG C 46 3.47 -3.89 -42.24
N LEU C 47 3.58 -4.40 -43.46
CA LEU C 47 2.56 -4.18 -44.47
C LEU C 47 1.25 -4.87 -44.13
N LEU C 48 0.16 -4.10 -44.19
CA LEU C 48 -1.17 -4.62 -43.89
C LEU C 48 -2.01 -4.74 -45.15
N ILE C 49 -2.03 -3.65 -45.93
CA ILE C 49 -2.83 -3.55 -47.15
C ILE C 49 -2.04 -2.89 -48.28
N TYR C 50 -2.29 -3.32 -49.50
CA TYR C 50 -1.69 -2.71 -50.69
C TYR C 50 -2.77 -2.67 -51.77
N GLY C 51 -2.58 -1.85 -52.81
CA GLY C 51 -3.60 -1.76 -53.84
C GLY C 51 -4.88 -1.25 -53.22
N ALA C 52 -4.73 -0.51 -52.11
CA ALA C 52 -5.84 0.07 -51.36
C ALA C 52 -6.77 -0.91 -50.64
N SER C 53 -7.01 -2.09 -51.22
CA SER C 53 -7.92 -3.04 -50.57
C SER C 53 -7.44 -4.47 -50.46
N THR C 54 -6.22 -4.75 -50.92
CA THR C 54 -5.71 -6.11 -50.86
C THR C 54 -4.91 -6.38 -49.59
N ARG C 55 -5.37 -7.36 -48.82
CA ARG C 55 -4.72 -7.73 -47.58
C ARG C 55 -3.43 -8.49 -47.85
N ALA C 56 -2.36 -8.09 -47.18
CA ALA C 56 -1.06 -8.75 -47.33
C ALA C 56 -1.15 -10.12 -46.67
N THR C 57 -0.31 -11.05 -47.11
CA THR C 57 -0.34 -12.40 -46.55
C THR C 57 0.00 -12.41 -45.06
N GLY C 58 -0.71 -13.26 -44.31
CA GLY C 58 -0.48 -13.38 -42.89
C GLY C 58 -1.25 -12.36 -42.07
N ILE C 59 -1.95 -11.45 -42.74
CA ILE C 59 -2.71 -10.42 -42.05
C ILE C 59 -4.13 -10.87 -41.73
N PRO C 60 -4.52 -10.79 -40.45
CA PRO C 60 -5.86 -11.20 -40.02
C PRO C 60 -6.94 -10.49 -40.83
N ASP C 61 -8.08 -11.16 -41.02
CA ASP C 61 -9.15 -10.58 -41.82
C ASP C 61 -9.97 -9.49 -41.13
N ARG C 62 -9.58 -9.10 -39.91
CA ARG C 62 -10.30 -8.03 -39.22
C ARG C 62 -9.82 -6.69 -39.78
N PHE C 63 -8.74 -6.74 -40.56
CA PHE C 63 -8.16 -5.55 -41.18
C PHE C 63 -8.67 -5.48 -42.63
N SER C 64 -9.26 -4.35 -43.01
CA SER C 64 -9.74 -4.20 -44.37
C SER C 64 -9.51 -2.78 -44.89
N GLY C 65 -9.07 -2.68 -46.14
CA GLY C 65 -8.82 -1.38 -46.73
C GLY C 65 -9.82 -1.07 -47.81
N SER C 66 -10.16 0.21 -47.99
CA SER C 66 -11.11 0.60 -49.02
C SER C 66 -10.79 1.99 -49.52
N GLY C 67 -11.48 2.41 -50.58
CA GLY C 67 -11.26 3.74 -51.11
C GLY C 67 -10.68 3.79 -52.51
N SER C 68 -10.76 4.98 -53.09
CA SER C 68 -10.25 5.24 -54.43
C SER C 68 -10.07 6.75 -54.60
N GLY C 69 -9.21 7.16 -55.53
CA GLY C 69 -8.99 8.57 -55.79
C GLY C 69 -8.19 9.31 -54.74
N THR C 70 -8.86 10.10 -53.90
CA THR C 70 -8.20 10.88 -52.86
C THR C 70 -8.68 10.51 -51.47
N ASP C 71 -9.55 9.50 -51.39
CA ASP C 71 -10.10 9.09 -50.10
C ASP C 71 -9.91 7.60 -49.84
N PHE C 72 -9.20 7.28 -48.76
CA PHE C 72 -8.93 5.90 -48.40
C PHE C 72 -9.17 5.65 -46.92
N THR C 73 -9.59 4.43 -46.60
CA THR C 73 -9.87 4.06 -45.22
C THR C 73 -9.37 2.67 -44.84
N LEU C 74 -8.80 2.59 -43.64
CA LEU C 74 -8.33 1.32 -43.09
C LEU C 74 -9.32 1.04 -41.96
N THR C 75 -9.92 -0.14 -41.98
CA THR C 75 -10.87 -0.50 -40.95
C THR C 75 -10.38 -1.72 -40.19
N ILE C 76 -10.43 -1.64 -38.86
CA ILE C 76 -10.04 -2.75 -38.01
C ILE C 76 -11.37 -3.15 -37.39
N GLY C 77 -11.99 -4.18 -37.99
CA GLY C 77 -13.30 -4.66 -37.55
C GLY C 77 -13.54 -4.70 -36.07
N ARG C 78 -12.76 -5.52 -35.36
CA ARG C 78 -12.89 -5.64 -33.92
C ARG C 78 -11.50 -5.61 -33.29
N LEU C 79 -11.16 -4.48 -32.70
CA LEU C 79 -9.85 -4.29 -32.09
C LEU C 79 -9.40 -5.33 -31.07
N GLU C 80 -8.15 -5.76 -31.22
CA GLU C 80 -7.50 -6.71 -30.32
C GLU C 80 -6.40 -5.92 -29.61
N PRO C 81 -6.07 -6.26 -28.36
CA PRO C 81 -5.02 -5.52 -27.66
C PRO C 81 -3.71 -5.43 -28.45
N GLU C 82 -3.39 -6.49 -29.19
CA GLU C 82 -2.18 -6.54 -30.01
C GLU C 82 -2.18 -5.52 -31.16
N ASP C 83 -3.32 -4.89 -31.41
CA ASP C 83 -3.43 -3.91 -32.49
C ASP C 83 -2.86 -2.55 -32.10
N LEU C 84 -2.47 -2.40 -30.84
CA LEU C 84 -1.88 -1.17 -30.36
C LEU C 84 -0.70 -0.86 -31.28
N ALA C 85 -0.73 0.30 -31.93
CA ALA C 85 0.34 0.68 -32.84
C ALA C 85 0.04 2.01 -33.50
N VAL C 86 0.96 2.44 -34.35
CA VAL C 86 0.79 3.66 -35.12
C VAL C 86 0.59 3.12 -36.54
N TYR C 87 -0.44 3.60 -37.22
CA TYR C 87 -0.75 3.15 -38.58
C TYR C 87 -0.45 4.26 -39.58
N TYR C 88 0.25 3.89 -40.64
CA TYR C 88 0.64 4.85 -41.67
C TYR C 88 0.10 4.45 -43.04
N CYS C 89 -0.31 5.44 -43.83
CA CYS C 89 -0.71 5.14 -45.19
C CYS C 89 0.43 5.64 -46.07
N GLN C 90 0.52 5.14 -47.29
CA GLN C 90 1.60 5.51 -48.19
C GLN C 90 1.14 5.33 -49.62
N GLN C 91 1.41 6.31 -50.47
CA GLN C 91 1.00 6.20 -51.87
C GLN C 91 2.25 5.91 -52.69
N TYR C 92 2.11 5.06 -53.69
CA TYR C 92 3.21 4.72 -54.56
C TYR C 92 2.82 4.79 -56.03
N GLY C 93 1.82 5.61 -56.32
CA GLY C 93 1.38 5.78 -57.69
C GLY C 93 2.22 6.84 -58.38
N THR C 94 2.64 7.84 -57.61
CA THR C 94 3.47 8.94 -58.11
C THR C 94 4.76 9.03 -57.31
N SER C 95 5.81 9.49 -57.97
CA SER C 95 7.11 9.65 -57.32
C SER C 95 7.25 11.13 -56.98
N PRO C 96 7.82 11.45 -55.80
CA PRO C 96 8.36 10.53 -54.80
C PRO C 96 7.26 9.87 -53.97
N TYR C 97 7.57 8.69 -53.44
CA TYR C 97 6.59 8.00 -52.60
C TYR C 97 6.45 8.84 -51.35
N THR C 98 5.23 8.91 -50.81
CA THR C 98 5.00 9.70 -49.61
C THR C 98 4.14 8.97 -48.59
N PHE C 99 4.37 9.30 -47.32
CA PHE C 99 3.67 8.71 -46.19
C PHE C 99 2.76 9.72 -45.51
N GLY C 100 1.69 9.23 -44.90
CA GLY C 100 0.82 10.10 -44.13
C GLY C 100 1.58 10.29 -42.84
N GLN C 101 1.12 11.20 -41.98
CA GLN C 101 1.82 11.45 -40.72
C GLN C 101 1.50 10.39 -39.65
N GLY C 102 0.56 9.50 -39.96
CA GLY C 102 0.19 8.45 -39.04
C GLY C 102 -0.96 8.70 -38.09
N THR C 103 -1.54 7.61 -37.59
CA THR C 103 -2.63 7.63 -36.62
C THR C 103 -2.19 6.71 -35.49
N LYS C 104 -2.05 7.26 -34.29
CA LYS C 104 -1.66 6.47 -33.14
C LYS C 104 -2.92 5.87 -32.54
N LEU C 105 -2.95 4.55 -32.40
CA LEU C 105 -4.10 3.88 -31.83
C LEU C 105 -3.81 3.45 -30.41
N GLU C 106 -4.50 4.09 -29.46
CA GLU C 106 -4.35 3.80 -28.04
C GLU C 106 -5.53 2.93 -27.59
N ILE C 107 -5.26 2.02 -26.65
CA ILE C 107 -6.29 1.12 -26.18
C ILE C 107 -6.75 1.44 -24.75
N LYS C 108 -8.05 1.62 -24.59
CA LYS C 108 -8.63 1.89 -23.28
C LYS C 108 -8.94 0.57 -22.62
N ARG C 109 -8.76 0.51 -21.31
CA ARG C 109 -9.04 -0.69 -20.54
C ARG C 109 -9.44 -0.32 -19.12
N THR C 110 -9.67 -1.32 -18.30
CA THR C 110 -10.06 -1.10 -16.91
C THR C 110 -8.87 -0.63 -16.08
N VAL C 111 -9.15 -0.02 -14.94
CA VAL C 111 -8.09 0.46 -14.07
C VAL C 111 -7.32 -0.73 -13.52
N ALA C 112 -6.00 -0.59 -13.43
CA ALA C 112 -5.16 -1.66 -12.91
C ALA C 112 -4.08 -1.05 -12.03
N ALA C 113 -4.03 -1.47 -10.77
CA ALA C 113 -3.05 -0.95 -9.82
C ALA C 113 -1.67 -1.55 -10.12
N PRO C 114 -0.61 -0.76 -9.91
CA PRO C 114 0.71 -1.32 -10.18
C PRO C 114 1.19 -2.19 -9.03
N SER C 115 2.09 -3.11 -9.35
CA SER C 115 2.73 -3.94 -8.34
C SER C 115 4.01 -3.13 -8.18
N VAL C 116 4.47 -2.92 -6.96
CA VAL C 116 5.66 -2.11 -6.75
C VAL C 116 6.82 -2.91 -6.17
N PHE C 117 8.00 -2.72 -6.75
CA PHE C 117 9.20 -3.42 -6.31
C PHE C 117 10.36 -2.44 -6.20
N ILE C 118 11.24 -2.67 -5.25
CA ILE C 118 12.39 -1.78 -5.07
C ILE C 118 13.68 -2.61 -5.05
N PHE C 119 14.73 -2.06 -5.66
CA PHE C 119 16.02 -2.72 -5.75
C PHE C 119 17.15 -1.83 -5.23
N PRO C 120 17.89 -2.30 -4.21
CA PRO C 120 19.00 -1.49 -3.70
C PRO C 120 20.16 -1.60 -4.70
N PRO C 121 21.16 -0.70 -4.60
CA PRO C 121 22.28 -0.76 -5.54
C PRO C 121 23.14 -2.01 -5.32
N SER C 122 23.63 -2.59 -6.42
CA SER C 122 24.45 -3.79 -6.34
C SER C 122 25.77 -3.41 -5.66
N ASP C 123 26.44 -4.40 -5.07
CA ASP C 123 27.70 -4.13 -4.40
C ASP C 123 28.73 -3.71 -5.43
N GLU C 124 28.64 -4.28 -6.63
CA GLU C 124 29.54 -3.96 -7.73
C GLU C 124 29.54 -2.46 -8.01
N GLN C 125 28.34 -1.90 -8.15
CA GLN C 125 28.20 -0.48 -8.44
C GLN C 125 28.65 0.41 -7.28
N LEU C 126 28.31 0.03 -6.06
CA LEU C 126 28.72 0.82 -4.91
C LEU C 126 30.23 0.84 -4.85
N LYS C 127 30.85 -0.30 -5.18
CA LYS C 127 32.30 -0.42 -5.19
C LYS C 127 32.89 0.69 -6.06
N SER C 128 32.28 0.90 -7.22
CA SER C 128 32.74 1.91 -8.16
C SER C 128 32.45 3.36 -7.76
N GLY C 129 31.80 3.56 -6.62
CA GLY C 129 31.52 4.92 -6.16
C GLY C 129 30.15 5.51 -6.43
N THR C 130 29.26 4.71 -7.00
CA THR C 130 27.91 5.21 -7.30
C THR C 130 26.83 4.22 -6.86
N ALA C 131 25.70 4.76 -6.44
CA ALA C 131 24.59 3.93 -5.99
C ALA C 131 23.29 4.27 -6.74
N SER C 132 22.77 3.30 -7.47
CA SER C 132 21.53 3.49 -8.20
C SER C 132 20.45 2.68 -7.49
N VAL C 133 19.38 3.34 -7.08
CA VAL C 133 18.28 2.66 -6.40
C VAL C 133 17.09 2.68 -7.35
N VAL C 134 16.59 1.52 -7.72
CA VAL C 134 15.49 1.42 -8.67
C VAL C 134 14.14 1.00 -8.09
N CYS C 135 13.11 1.74 -8.48
CA CYS C 135 11.75 1.45 -8.05
C CYS C 135 10.98 1.07 -9.31
N LEU C 136 10.30 -0.07 -9.26
CA LEU C 136 9.52 -0.54 -10.41
C LEU C 136 8.02 -0.58 -10.13
N LEU C 137 7.26 0.09 -11.00
CA LEU C 137 5.80 0.12 -10.92
C LEU C 137 5.42 -0.75 -12.10
N ASN C 138 4.87 -1.93 -11.84
CA ASN C 138 4.57 -2.85 -12.92
C ASN C 138 3.12 -3.11 -13.30
N ASN C 139 2.87 -3.04 -14.61
CA ASN C 139 1.57 -3.32 -15.21
C ASN C 139 0.37 -2.57 -14.64
N PHE C 140 0.34 -1.26 -14.84
CA PHE C 140 -0.77 -0.46 -14.34
C PHE C 140 -1.47 0.33 -15.43
N TYR C 141 -2.65 0.86 -15.10
CA TYR C 141 -3.44 1.66 -16.03
C TYR C 141 -4.45 2.49 -15.23
N PRO C 142 -4.62 3.77 -15.58
CA PRO C 142 -3.96 4.52 -16.65
C PRO C 142 -2.48 4.86 -16.43
N ARG C 143 -1.92 5.60 -17.38
CA ARG C 143 -0.52 6.00 -17.37
C ARG C 143 -0.06 6.90 -16.23
N GLU C 144 -0.96 7.76 -15.74
CA GLU C 144 -0.58 8.67 -14.67
C GLU C 144 -0.30 7.96 -13.34
N ALA C 145 0.93 8.10 -12.87
CA ALA C 145 1.36 7.49 -11.62
C ALA C 145 2.44 8.39 -11.06
N LYS C 146 2.39 8.63 -9.76
CA LYS C 146 3.38 9.49 -9.14
C LYS C 146 4.32 8.73 -8.22
N VAL C 147 5.61 8.93 -8.45
CA VAL C 147 6.63 8.29 -7.65
C VAL C 147 7.34 9.37 -6.86
N GLN C 148 7.50 9.13 -5.56
CA GLN C 148 8.17 10.08 -4.69
C GLN C 148 9.19 9.33 -3.85
N TRP C 149 10.45 9.72 -3.96
CA TRP C 149 11.51 9.08 -3.19
C TRP C 149 11.67 9.74 -1.82
N LYS C 150 12.00 8.92 -0.84
CA LYS C 150 12.21 9.38 0.53
C LYS C 150 13.41 8.67 1.09
N VAL C 151 14.35 9.44 1.62
CA VAL C 151 15.55 8.87 2.23
C VAL C 151 15.48 9.28 3.70
N ASP C 152 15.35 8.29 4.57
CA ASP C 152 15.22 8.54 6.00
C ASP C 152 14.09 9.54 6.22
N ASN C 153 12.99 9.30 5.50
CA ASN C 153 11.77 10.08 5.56
C ASN C 153 11.85 11.48 4.94
N ALA C 154 13.00 11.84 4.39
CA ALA C 154 13.15 13.15 3.76
C ALA C 154 12.83 13.04 2.27
N LEU C 155 11.92 13.90 1.80
CA LEU C 155 11.53 13.89 0.39
C LEU C 155 12.65 14.34 -0.54
N GLN C 156 12.89 13.53 -1.58
CA GLN C 156 13.93 13.81 -2.55
C GLN C 156 13.41 14.58 -3.74
N SER C 157 14.29 15.33 -4.39
CA SER C 157 13.90 16.11 -5.56
C SER C 157 15.10 16.45 -6.45
N GLY C 158 14.98 16.12 -7.73
CA GLY C 158 16.05 16.42 -8.67
C GLY C 158 17.19 15.42 -8.77
N ASN C 159 17.10 14.33 -8.03
CA ASN C 159 18.16 13.32 -8.07
C ASN C 159 17.66 11.96 -8.55
N SER C 160 16.60 11.99 -9.36
CA SER C 160 16.03 10.77 -9.91
C SER C 160 15.50 11.03 -11.32
N GLN C 161 15.36 9.96 -12.09
CA GLN C 161 14.81 10.04 -13.43
C GLN C 161 13.89 8.84 -13.61
N GLU C 162 12.91 8.97 -14.49
CA GLU C 162 12.01 7.85 -14.71
C GLU C 162 11.80 7.61 -16.20
N SER C 163 11.32 6.42 -16.52
CA SER C 163 11.08 6.01 -17.88
C SER C 163 9.81 5.16 -17.84
N VAL C 164 8.93 5.35 -18.82
CA VAL C 164 7.68 4.59 -18.88
C VAL C 164 7.62 3.85 -20.20
N THR C 165 7.13 2.62 -20.18
CA THR C 165 7.01 1.82 -21.39
C THR C 165 5.75 2.19 -22.15
N GLU C 166 5.63 1.68 -23.37
CA GLU C 166 4.43 1.92 -24.17
C GLU C 166 3.45 0.87 -23.69
N GLN C 167 2.18 1.02 -24.03
CA GLN C 167 1.17 0.05 -23.61
C GLN C 167 1.58 -1.36 -24.01
N ASP C 168 1.34 -2.31 -23.12
CA ASP C 168 1.68 -3.69 -23.39
C ASP C 168 0.77 -4.19 -24.50
N SER C 169 1.31 -5.03 -25.38
CA SER C 169 0.54 -5.54 -26.50
C SER C 169 -0.55 -6.55 -26.11
N ARG C 170 -0.39 -7.20 -24.97
CA ARG C 170 -1.39 -8.18 -24.55
C ARG C 170 -2.37 -7.73 -23.47
N ASP C 171 -1.92 -6.91 -22.51
CA ASP C 171 -2.81 -6.45 -21.45
C ASP C 171 -3.03 -4.94 -21.44
N SER C 172 -2.38 -4.24 -22.37
CA SER C 172 -2.53 -2.80 -22.51
C SER C 172 -2.11 -1.97 -21.29
N THR C 173 -1.27 -2.51 -20.43
CA THR C 173 -0.83 -1.76 -19.27
C THR C 173 0.50 -1.05 -19.52
N TYR C 174 0.90 -0.23 -18.55
CA TYR C 174 2.15 0.51 -18.61
C TYR C 174 3.00 0.04 -17.44
N SER C 175 4.31 0.25 -17.54
CA SER C 175 5.22 -0.09 -16.46
C SER C 175 6.13 1.12 -16.36
N LEU C 176 6.57 1.44 -15.15
CA LEU C 176 7.43 2.58 -14.95
C LEU C 176 8.62 2.22 -14.08
N GLY C 177 9.76 2.79 -14.42
CA GLY C 177 10.97 2.54 -13.65
C GLY C 177 11.52 3.89 -13.24
N SER C 178 11.78 4.05 -11.96
CA SER C 178 12.34 5.29 -11.43
C SER C 178 13.66 4.94 -10.75
N THR C 179 14.69 5.71 -11.07
CA THR C 179 16.00 5.47 -10.49
C THR C 179 16.49 6.65 -9.68
N LEU C 180 16.84 6.38 -8.42
CA LEU C 180 17.38 7.42 -7.54
C LEU C 180 18.87 7.21 -7.59
N THR C 181 19.63 8.28 -7.88
CA THR C 181 21.08 8.16 -7.98
C THR C 181 21.83 9.02 -6.97
N LEU C 182 22.69 8.38 -6.20
CA LEU C 182 23.50 9.04 -5.19
C LEU C 182 24.91 8.46 -5.25
N SER C 183 25.88 9.21 -4.75
CA SER C 183 27.25 8.73 -4.72
C SER C 183 27.33 7.74 -3.57
N LYS C 184 28.26 6.80 -3.64
CA LYS C 184 28.42 5.79 -2.60
C LYS C 184 28.43 6.41 -1.21
N ALA C 185 29.10 7.56 -1.08
CA ALA C 185 29.21 8.25 0.21
C ALA C 185 27.89 8.84 0.72
N ASP C 186 27.05 9.31 -0.18
CA ASP C 186 25.76 9.90 0.19
C ASP C 186 24.81 8.79 0.61
N TYR C 187 24.87 7.68 -0.11
CA TYR C 187 24.03 6.52 0.15
C TYR C 187 24.42 5.93 1.50
N GLU C 188 25.70 6.09 1.85
CA GLU C 188 26.23 5.57 3.11
C GLU C 188 25.76 6.36 4.32
N LYS C 189 25.46 7.64 4.12
CA LYS C 189 25.01 8.49 5.22
C LYS C 189 23.54 8.29 5.56
N HIS C 190 22.90 7.32 4.92
CA HIS C 190 21.48 7.08 5.16
C HIS C 190 21.09 5.62 5.36
N LYS C 191 19.93 5.41 5.98
CA LYS C 191 19.44 4.08 6.28
C LYS C 191 18.20 3.60 5.52
N VAL C 192 17.11 4.35 5.60
CA VAL C 192 15.87 3.94 4.93
C VAL C 192 15.58 4.63 3.60
N TYR C 193 15.44 3.82 2.56
CA TYR C 193 15.13 4.32 1.22
C TYR C 193 13.74 3.85 0.82
N ALA C 194 12.84 4.81 0.64
CA ALA C 194 11.45 4.50 0.30
C ALA C 194 10.99 5.09 -1.03
N CYS C 195 10.11 4.35 -1.68
CA CYS C 195 9.51 4.74 -2.95
C CYS C 195 8.01 4.80 -2.71
N GLU C 196 7.45 6.00 -2.70
CA GLU C 196 6.02 6.18 -2.46
C GLU C 196 5.27 6.27 -3.78
N VAL C 197 4.34 5.36 -4.00
CA VAL C 197 3.57 5.33 -5.24
C VAL C 197 2.10 5.72 -5.09
N THR C 198 1.67 6.64 -5.93
CA THR C 198 0.29 7.09 -5.94
C THR C 198 -0.28 6.76 -7.30
N HIS C 199 -1.39 6.03 -7.31
CA HIS C 199 -2.04 5.65 -8.56
C HIS C 199 -3.53 5.42 -8.35
N GLN C 200 -4.29 5.80 -9.37
CA GLN C 200 -5.74 5.68 -9.40
C GLN C 200 -6.27 4.32 -8.93
N GLY C 201 -5.54 3.26 -9.24
CA GLY C 201 -5.97 1.92 -8.86
C GLY C 201 -5.70 1.53 -7.42
N LEU C 202 -4.93 2.34 -6.71
CA LEU C 202 -4.59 2.05 -5.32
C LEU C 202 -5.55 2.76 -4.36
N SER C 203 -5.79 2.13 -3.21
CA SER C 203 -6.67 2.67 -2.19
C SER C 203 -6.02 3.88 -1.53
N SER C 204 -4.69 3.86 -1.45
CA SER C 204 -3.92 4.94 -0.87
C SER C 204 -2.52 4.83 -1.45
N PRO C 205 -1.69 5.86 -1.27
CA PRO C 205 -0.34 5.73 -1.82
C PRO C 205 0.29 4.50 -1.15
N VAL C 206 1.06 3.73 -1.89
CA VAL C 206 1.72 2.57 -1.33
C VAL C 206 3.20 2.87 -1.30
N THR C 207 3.87 2.50 -0.22
CA THR C 207 5.29 2.75 -0.13
C THR C 207 6.08 1.46 -0.07
N LYS C 208 7.14 1.39 -0.88
CA LYS C 208 8.01 0.23 -0.92
C LYS C 208 9.35 0.74 -0.40
N SER C 209 9.95 0.00 0.52
CA SER C 209 11.22 0.45 1.08
C SER C 209 12.12 -0.66 1.58
N PHE C 210 13.33 -0.26 1.95
CA PHE C 210 14.32 -1.17 2.51
C PHE C 210 15.22 -0.34 3.39
N ASN C 211 15.79 -0.98 4.40
CA ASN C 211 16.69 -0.29 5.32
C ASN C 211 18.11 -0.72 4.99
N ARG C 212 18.92 0.22 4.52
CA ARG C 212 20.30 -0.09 4.19
C ARG C 212 20.93 -0.45 5.52
N GLY C 213 21.56 -1.61 5.59
CA GLY C 213 22.17 -2.05 6.82
C GLY C 213 21.50 -3.33 7.30
N GLU C 214 20.23 -3.49 6.95
CA GLU C 214 19.48 -4.68 7.32
C GLU C 214 19.57 -5.68 6.19
N CYS C 215 19.02 -6.87 6.40
CA CYS C 215 19.06 -7.91 5.37
C CYS C 215 17.64 -8.39 5.02
N LEU D 4 16.46 -12.32 -42.45
CA LEU D 4 16.35 -12.16 -43.92
C LEU D 4 16.98 -10.84 -44.36
N LEU D 5 16.23 -9.75 -44.28
CA LEU D 5 16.75 -8.44 -44.64
C LEU D 5 17.46 -7.92 -43.39
N GLU D 6 18.79 -8.08 -43.37
CA GLU D 6 19.56 -7.62 -42.22
C GLU D 6 20.33 -6.36 -42.54
N GLN D 7 20.44 -5.48 -41.55
CA GLN D 7 21.12 -4.20 -41.75
C GLN D 7 22.37 -4.05 -40.91
N SER D 8 23.17 -3.05 -41.27
CA SER D 8 24.41 -2.76 -40.56
C SER D 8 24.05 -2.21 -39.18
N GLY D 9 25.03 -2.22 -38.27
CA GLY D 9 24.77 -1.76 -36.91
C GLY D 9 24.67 -0.27 -36.68
N ALA D 10 24.03 0.08 -35.57
CA ALA D 10 23.84 1.48 -35.16
C ALA D 10 25.19 2.14 -35.07
N GLU D 11 25.22 3.46 -35.22
CA GLU D 11 26.50 4.16 -35.18
C GLU D 11 26.34 5.65 -34.97
N VAL D 12 27.33 6.24 -34.30
CA VAL D 12 27.33 7.67 -34.08
C VAL D 12 28.20 8.26 -35.20
N LYS D 13 27.77 9.38 -35.78
CA LYS D 13 28.53 10.01 -36.85
C LYS D 13 28.68 11.50 -36.53
N LYS D 14 29.87 12.04 -36.78
CA LYS D 14 30.11 13.44 -36.51
C LYS D 14 29.43 14.32 -37.55
N PRO D 15 29.03 15.54 -37.16
CA PRO D 15 28.37 16.41 -38.13
C PRO D 15 29.28 16.63 -39.34
N GLY D 16 28.72 16.54 -40.54
CA GLY D 16 29.51 16.75 -41.74
C GLY D 16 30.08 15.49 -42.36
N SER D 17 30.05 14.39 -41.60
CA SER D 17 30.56 13.13 -42.09
C SER D 17 29.54 12.45 -42.99
N SER D 18 29.87 11.24 -43.43
CA SER D 18 28.99 10.48 -44.29
C SER D 18 28.77 9.10 -43.70
N VAL D 19 27.59 8.54 -43.94
CA VAL D 19 27.29 7.22 -43.42
C VAL D 19 26.79 6.31 -44.53
N GLN D 20 27.15 5.04 -44.43
CA GLN D 20 26.71 4.04 -45.40
C GLN D 20 25.89 3.00 -44.65
N VAL D 21 24.64 2.85 -45.03
CA VAL D 21 23.78 1.88 -44.39
C VAL D 21 23.63 0.73 -45.36
N SER D 22 23.91 -0.49 -44.90
CA SER D 22 23.82 -1.65 -45.76
C SER D 22 22.59 -2.48 -45.47
N CYS D 23 22.19 -3.26 -46.46
CA CYS D 23 21.03 -4.11 -46.36
C CYS D 23 21.29 -5.40 -47.13
N LYS D 24 21.49 -6.50 -46.41
CA LYS D 24 21.75 -7.78 -47.06
C LYS D 24 20.47 -8.57 -47.29
N ALA D 25 20.24 -8.96 -48.53
CA ALA D 25 19.07 -9.75 -48.90
C ALA D 25 19.36 -11.21 -48.63
N SER D 26 18.46 -11.88 -47.91
CA SER D 26 18.64 -13.29 -47.62
C SER D 26 18.35 -14.05 -48.91
N GLY D 27 18.45 -15.37 -48.87
CA GLY D 27 18.20 -16.15 -50.07
C GLY D 27 19.30 -15.97 -51.10
N GLY D 28 20.32 -15.19 -50.74
CA GLY D 28 21.45 -14.97 -51.64
C GLY D 28 21.19 -14.39 -53.02
N THR D 29 20.29 -13.43 -53.13
CA THR D 29 20.00 -12.81 -54.42
C THR D 29 19.02 -11.66 -54.33
N PHE D 30 19.15 -10.71 -55.26
CA PHE D 30 18.27 -9.56 -55.30
C PHE D 30 17.00 -9.92 -56.05
N SER D 31 17.13 -10.89 -56.95
CA SER D 31 16.00 -11.32 -57.76
C SER D 31 15.41 -10.10 -58.46
N MET D 32 14.08 -9.96 -58.40
CA MET D 32 13.38 -8.85 -59.02
C MET D 32 13.02 -7.75 -58.04
N TYR D 33 13.48 -7.89 -56.79
CA TYR D 33 13.16 -6.91 -55.76
C TYR D 33 13.86 -5.56 -55.82
N GLY D 34 13.15 -4.55 -55.34
CA GLY D 34 13.70 -3.21 -55.28
C GLY D 34 14.02 -2.98 -53.82
N PHE D 35 15.06 -2.22 -53.53
CA PHE D 35 15.44 -1.95 -52.15
C PHE D 35 15.36 -0.47 -51.87
N ASN D 36 14.48 -0.11 -50.94
CA ASN D 36 14.23 1.28 -50.57
C ASN D 36 14.72 1.61 -49.17
N TRP D 37 14.96 2.89 -48.94
CA TRP D 37 15.40 3.36 -47.63
C TRP D 37 14.38 4.37 -47.10
N VAL D 38 13.85 4.07 -45.93
CA VAL D 38 12.85 4.89 -45.26
C VAL D 38 13.40 5.20 -43.88
N ARG D 39 13.42 6.47 -43.51
CA ARG D 39 13.93 6.84 -42.21
C ARG D 39 12.83 7.37 -41.32
N GLN D 40 13.13 7.38 -40.02
CA GLN D 40 12.16 7.82 -39.03
C GLN D 40 12.88 8.40 -37.84
N ALA D 41 12.69 9.69 -37.61
CA ALA D 41 13.31 10.35 -36.46
C ALA D 41 12.60 9.74 -35.25
N PRO D 42 13.34 9.51 -34.16
CA PRO D 42 12.76 8.93 -32.95
C PRO D 42 11.50 9.65 -32.48
N GLY D 43 10.41 8.90 -32.33
CA GLY D 43 9.16 9.47 -31.88
C GLY D 43 8.35 10.14 -32.97
N HIS D 44 8.79 10.01 -34.22
CA HIS D 44 8.09 10.64 -35.32
C HIS D 44 7.73 9.71 -36.48
N GLY D 45 7.34 10.28 -37.62
CA GLY D 45 6.92 9.48 -38.75
C GLY D 45 7.94 8.94 -39.74
N LEU D 46 7.42 8.28 -40.77
CA LEU D 46 8.24 7.68 -41.82
C LEU D 46 8.37 8.58 -43.03
N GLU D 47 9.54 8.55 -43.67
CA GLU D 47 9.75 9.34 -44.88
C GLU D 47 10.66 8.57 -45.83
N TRP D 48 10.20 8.43 -47.06
CA TRP D 48 10.94 7.72 -48.10
C TRP D 48 12.11 8.56 -48.59
N MET D 49 13.28 7.93 -48.71
CA MET D 49 14.47 8.66 -49.17
C MET D 49 14.79 8.32 -50.62
N GLY D 50 14.58 7.06 -50.99
CA GLY D 50 14.88 6.63 -52.34
C GLY D 50 15.13 5.14 -52.38
N GLY D 51 15.59 4.63 -53.52
CA GLY D 51 15.85 3.22 -53.62
C GLY D 51 16.50 2.83 -54.94
N ILE D 52 16.80 1.55 -55.08
CA ILE D 52 17.42 1.03 -56.29
C ILE D 52 16.89 -0.38 -56.56
N ILE D 53 16.62 -0.68 -57.82
CA ILE D 53 16.16 -2.01 -58.21
C ILE D 53 17.37 -2.57 -58.93
N PRO D 54 18.18 -3.37 -58.23
CA PRO D 54 19.40 -3.97 -58.80
C PRO D 54 19.29 -4.59 -60.19
N ILE D 55 18.31 -5.46 -60.39
CA ILE D 55 18.14 -6.12 -61.68
C ILE D 55 18.04 -5.16 -62.87
N PHE D 56 17.30 -4.07 -62.71
CA PHE D 56 17.12 -3.09 -63.77
C PHE D 56 18.13 -1.96 -63.69
N GLY D 57 18.86 -1.87 -62.58
CA GLY D 57 19.84 -0.82 -62.43
C GLY D 57 19.18 0.55 -62.35
N THR D 58 17.97 0.61 -61.81
CA THR D 58 17.25 1.88 -61.69
C THR D 58 17.23 2.37 -60.24
N SER D 59 17.50 3.65 -60.05
CA SER D 59 17.49 4.25 -58.72
C SER D 59 17.05 5.70 -58.81
N ASN D 60 16.40 6.17 -57.75
CA ASN D 60 15.95 7.54 -57.67
C ASN D 60 15.75 7.88 -56.21
N TYR D 61 15.41 9.13 -55.93
CA TYR D 61 15.23 9.56 -54.55
C TYR D 61 14.31 10.77 -54.45
N ALA D 62 14.02 11.16 -53.22
CA ALA D 62 13.16 12.32 -52.96
C ALA D 62 14.07 13.53 -53.08
N GLN D 63 13.55 14.60 -53.71
CA GLN D 63 14.34 15.81 -53.90
C GLN D 63 14.93 16.38 -52.63
N LYS D 64 14.32 16.06 -51.49
CA LYS D 64 14.81 16.55 -50.20
C LYS D 64 16.26 16.14 -49.97
N PHE D 65 16.66 15.01 -50.55
CA PHE D 65 18.00 14.47 -50.37
C PHE D 65 18.90 14.61 -51.60
N ARG D 66 18.52 15.48 -52.53
CA ARG D 66 19.29 15.68 -53.75
C ARG D 66 20.72 16.12 -53.43
N GLY D 67 21.68 15.53 -54.12
CA GLY D 67 23.06 15.86 -53.91
C GLY D 67 23.61 15.27 -52.62
N ARG D 68 22.81 14.47 -51.93
CA ARG D 68 23.23 13.86 -50.67
C ARG D 68 23.20 12.33 -50.65
N VAL D 69 22.35 11.72 -51.46
CA VAL D 69 22.24 10.26 -51.45
C VAL D 69 22.69 9.52 -52.68
N THR D 70 23.21 8.31 -52.45
CA THR D 70 23.68 7.45 -53.51
C THR D 70 23.26 6.03 -53.14
N PHE D 71 22.75 5.30 -54.12
CA PHE D 71 22.30 3.93 -53.91
C PHE D 71 23.10 2.98 -54.78
N THR D 72 23.66 1.95 -54.14
CA THR D 72 24.47 0.94 -54.81
C THR D 72 24.00 -0.46 -54.39
N ALA D 73 24.40 -1.47 -55.15
CA ALA D 73 24.04 -2.86 -54.84
C ALA D 73 25.13 -3.79 -55.34
N ASP D 74 25.45 -4.80 -54.54
CA ASP D 74 26.48 -5.76 -54.92
C ASP D 74 25.88 -7.15 -55.09
N GLN D 75 25.91 -7.66 -56.31
CA GLN D 75 25.35 -8.96 -56.60
C GLN D 75 26.12 -10.08 -55.90
N ALA D 76 27.43 -9.91 -55.77
CA ALA D 76 28.27 -10.92 -55.13
C ALA D 76 27.90 -11.17 -53.66
N THR D 77 27.44 -10.12 -52.97
CA THR D 77 27.07 -10.24 -51.57
C THR D 77 25.57 -10.04 -51.31
N SER D 78 24.79 -9.86 -52.36
CA SER D 78 23.35 -9.64 -52.21
C SER D 78 23.11 -8.50 -51.23
N THR D 79 24.00 -7.52 -51.23
CA THR D 79 23.88 -6.40 -50.31
C THR D 79 23.66 -5.06 -51.01
N ALA D 80 22.62 -4.36 -50.61
CA ALA D 80 22.29 -3.05 -51.17
C ALA D 80 22.79 -1.99 -50.18
N TYR D 81 23.20 -0.85 -50.69
CA TYR D 81 23.73 0.23 -49.85
C TYR D 81 23.17 1.60 -50.17
N MET D 82 23.17 2.46 -49.17
CA MET D 82 22.76 3.84 -49.34
C MET D 82 23.76 4.66 -48.58
N GLU D 83 24.32 5.67 -49.24
CA GLU D 83 25.27 6.54 -48.59
C GLU D 83 24.61 7.92 -48.50
N LEU D 84 24.62 8.49 -47.30
CA LEU D 84 24.06 9.81 -47.05
C LEU D 84 25.22 10.67 -46.56
N THR D 85 25.49 11.76 -47.27
CA THR D 85 26.61 12.63 -46.94
C THR D 85 26.23 13.94 -46.27
N ASN D 86 27.25 14.64 -45.77
CA ASN D 86 27.07 15.93 -45.11
C ASN D 86 26.04 15.84 -44.00
N LEU D 87 26.19 14.85 -43.13
CA LEU D 87 25.26 14.63 -42.03
C LEU D 87 25.13 15.81 -41.07
N ARG D 88 23.90 16.03 -40.61
CA ARG D 88 23.58 17.10 -39.68
C ARG D 88 22.73 16.51 -38.55
N SER D 89 22.56 17.25 -37.47
CA SER D 89 21.78 16.78 -36.35
C SER D 89 20.42 16.21 -36.74
N ASP D 90 19.75 16.86 -37.69
CA ASP D 90 18.43 16.39 -38.09
C ASP D 90 18.43 15.17 -39.00
N ASP D 91 19.59 14.54 -39.15
CA ASP D 91 19.70 13.32 -39.94
C ASP D 91 19.69 12.13 -38.97
N THR D 92 19.66 12.44 -37.67
CA THR D 92 19.60 11.41 -36.64
C THR D 92 18.26 10.71 -36.82
N ALA D 93 18.29 9.41 -37.04
CA ALA D 93 17.06 8.66 -37.25
C ALA D 93 17.33 7.18 -37.39
N VAL D 94 16.26 6.41 -37.45
CA VAL D 94 16.37 4.99 -37.65
C VAL D 94 16.18 4.84 -39.15
N TYR D 95 17.17 4.26 -39.81
CA TYR D 95 17.10 4.06 -41.25
C TYR D 95 16.69 2.63 -41.54
N TYR D 96 15.54 2.48 -42.19
CA TYR D 96 15.01 1.18 -42.52
C TYR D 96 15.23 0.77 -43.96
N CYS D 97 15.50 -0.52 -44.15
CA CYS D 97 15.65 -1.06 -45.48
C CYS D 97 14.24 -1.62 -45.72
N ALA D 98 13.65 -1.28 -46.85
CA ALA D 98 12.29 -1.74 -47.18
C ALA D 98 12.29 -2.31 -48.59
N ARG D 99 11.88 -3.57 -48.71
CA ARG D 99 11.89 -4.26 -49.99
C ARG D 99 10.56 -4.20 -50.75
N ASP D 100 10.65 -4.02 -52.06
CA ASP D 100 9.47 -3.99 -52.93
C ASP D 100 9.70 -4.91 -54.13
N PHE D 101 8.65 -5.11 -54.94
CA PHE D 101 8.72 -5.97 -56.11
C PHE D 101 7.48 -5.71 -56.95
N GLY D 102 7.50 -6.09 -58.22
CA GLY D 102 6.34 -5.83 -59.05
C GLY D 102 5.85 -6.94 -59.96
N PRO D 103 4.60 -7.40 -59.78
CA PRO D 103 4.00 -8.46 -60.59
C PRO D 103 3.51 -7.85 -61.91
N ASP D 104 4.30 -8.02 -62.96
CA ASP D 104 3.95 -7.46 -64.26
C ASP D 104 4.15 -8.52 -65.34
N TRP D 105 4.02 -9.77 -64.90
CA TRP D 105 4.13 -10.94 -65.76
C TRP D 105 5.54 -11.16 -66.31
N GLU D 106 6.49 -11.38 -65.40
CA GLU D 106 7.89 -11.64 -65.74
C GLU D 106 8.73 -10.43 -66.12
N ASP D 107 8.37 -9.23 -65.65
CA ASP D 107 9.16 -8.05 -65.98
C ASP D 107 8.94 -6.81 -65.12
N GLY D 108 9.48 -5.70 -65.60
CA GLY D 108 9.42 -4.41 -64.92
C GLY D 108 8.17 -4.03 -64.14
N ASP D 109 7.30 -3.26 -64.79
CA ASP D 109 6.04 -2.78 -64.22
C ASP D 109 5.23 -2.44 -65.46
N SER D 110 4.12 -3.13 -65.67
CA SER D 110 3.35 -2.84 -66.87
C SER D 110 1.86 -3.24 -66.87
N TYR D 111 1.25 -3.53 -65.73
CA TYR D 111 -0.17 -3.90 -65.79
C TYR D 111 -0.93 -4.13 -64.48
N ASP D 112 -2.03 -4.88 -64.62
CA ASP D 112 -2.99 -5.25 -63.55
C ASP D 112 -3.58 -4.13 -62.66
N GLY D 113 -2.81 -3.08 -62.48
CA GLY D 113 -3.29 -1.99 -61.64
C GLY D 113 -2.20 -1.13 -61.06
N SER D 114 -1.81 -1.41 -59.82
CA SER D 114 -0.77 -0.63 -59.14
C SER D 114 0.55 -1.39 -59.19
N GLY D 115 1.66 -0.66 -59.15
CA GLY D 115 2.96 -1.29 -59.26
C GLY D 115 3.70 -1.77 -58.02
N ARG D 116 4.99 -1.43 -57.96
CA ARG D 116 5.88 -1.87 -56.89
C ARG D 116 6.34 -0.80 -55.88
N GLY D 117 5.47 0.09 -55.45
CA GLY D 117 5.91 1.07 -54.48
C GLY D 117 5.62 0.72 -53.04
N PHE D 118 5.05 -0.47 -52.82
CA PHE D 118 4.73 -0.90 -51.44
C PHE D 118 5.83 -1.85 -50.96
N PHE D 119 6.11 -1.82 -49.66
CA PHE D 119 7.17 -2.63 -49.10
C PHE D 119 6.63 -3.76 -48.23
N ASP D 120 6.81 -4.99 -48.73
CA ASP D 120 6.33 -6.19 -48.06
C ASP D 120 7.25 -6.72 -46.97
N PHE D 121 8.50 -6.25 -46.95
CA PHE D 121 9.43 -6.68 -45.93
C PHE D 121 10.35 -5.55 -45.50
N TRP D 122 10.45 -5.36 -44.19
CA TRP D 122 11.26 -4.30 -43.63
C TRP D 122 12.41 -4.82 -42.77
N GLY D 123 13.57 -4.18 -42.89
CA GLY D 123 14.70 -4.58 -42.07
C GLY D 123 14.41 -4.09 -40.67
N GLN D 124 15.20 -4.50 -39.69
CA GLN D 124 14.96 -4.08 -38.31
C GLN D 124 15.38 -2.65 -38.05
N GLY D 125 16.09 -2.04 -39.00
CA GLY D 125 16.50 -0.66 -38.86
C GLY D 125 17.90 -0.44 -38.31
N THR D 126 18.47 0.71 -38.67
CA THR D 126 19.81 1.10 -38.23
C THR D 126 19.74 2.53 -37.68
N LEU D 127 19.96 2.67 -36.37
CA LEU D 127 19.92 4.00 -35.77
C LEU D 127 21.23 4.75 -35.93
N VAL D 128 21.17 5.83 -36.70
CA VAL D 128 22.34 6.67 -36.93
C VAL D 128 22.18 7.93 -36.08
N THR D 129 23.10 8.13 -35.14
CA THR D 129 23.05 9.30 -34.28
C THR D 129 24.11 10.29 -34.73
N VAL D 130 23.70 11.47 -35.15
CA VAL D 130 24.66 12.47 -35.60
C VAL D 130 25.03 13.35 -34.40
N SER D 131 26.27 13.19 -33.94
CA SER D 131 26.77 13.92 -32.79
C SER D 131 28.29 13.94 -32.77
N SER D 132 28.84 14.91 -32.04
CA SER D 132 30.29 15.04 -31.92
C SER D 132 30.74 14.31 -30.65
N ALA D 133 29.78 13.74 -29.92
CA ALA D 133 30.06 13.01 -28.69
C ALA D 133 30.66 11.64 -29.00
N SER D 134 31.55 11.19 -28.13
CA SER D 134 32.23 9.91 -28.33
C SER D 134 31.41 8.71 -27.86
N THR D 135 31.71 7.56 -28.47
CA THR D 135 31.06 6.30 -28.15
C THR D 135 31.59 5.72 -26.85
N LYS D 136 30.69 5.15 -26.05
CA LYS D 136 31.05 4.53 -24.78
C LYS D 136 30.22 3.29 -24.53
N GLY D 137 30.89 2.18 -24.22
CA GLY D 137 30.20 0.93 -23.94
C GLY D 137 29.54 1.01 -22.58
N PRO D 138 28.50 0.21 -22.32
CA PRO D 138 27.85 0.29 -21.02
C PRO D 138 28.40 -0.69 -19.98
N SER D 139 28.05 -0.43 -18.74
CA SER D 139 28.42 -1.29 -17.63
C SER D 139 27.07 -1.89 -17.22
N VAL D 140 27.04 -3.20 -17.01
CA VAL D 140 25.79 -3.85 -16.63
C VAL D 140 25.77 -4.29 -15.17
N PHE D 141 24.77 -3.80 -14.43
CA PHE D 141 24.62 -4.14 -13.02
C PHE D 141 23.35 -4.94 -12.80
N PRO D 142 23.40 -5.91 -11.88
CA PRO D 142 22.19 -6.70 -11.66
C PRO D 142 21.19 -5.98 -10.73
N LEU D 143 19.92 -6.28 -10.95
CA LEU D 143 18.85 -5.77 -10.11
C LEU D 143 18.38 -7.07 -9.48
N ALA D 144 19.12 -7.49 -8.45
CA ALA D 144 18.87 -8.73 -7.75
C ALA D 144 17.52 -8.85 -7.08
N PRO D 145 16.84 -9.98 -7.28
CA PRO D 145 15.52 -10.20 -6.67
C PRO D 145 15.72 -10.41 -5.18
N SER D 146 14.77 -9.94 -4.37
CA SER D 146 14.87 -10.10 -2.92
C SER D 146 13.50 -9.97 -2.26
N SER D 147 13.49 -10.00 -0.94
CA SER D 147 12.25 -9.88 -0.16
C SER D 147 11.57 -8.53 -0.43
N LYS D 148 12.31 -7.61 -1.03
CA LYS D 148 11.78 -6.28 -1.32
C LYS D 148 11.34 -6.13 -2.78
N SER D 149 11.52 -7.18 -3.57
CA SER D 149 11.12 -7.14 -4.96
C SER D 149 10.25 -8.35 -5.26
N THR D 150 9.40 -8.70 -4.30
CA THR D 150 8.50 -9.83 -4.49
C THR D 150 7.07 -9.36 -4.36
N SER D 151 6.16 -10.13 -4.93
CA SER D 151 4.74 -9.80 -4.88
C SER D 151 3.98 -11.10 -5.02
N GLY D 152 3.53 -11.63 -3.89
CA GLY D 152 2.81 -12.89 -3.92
C GLY D 152 3.75 -13.98 -4.40
N GLY D 153 3.26 -14.81 -5.32
CA GLY D 153 4.09 -15.88 -5.83
C GLY D 153 5.05 -15.46 -6.92
N THR D 154 5.18 -14.16 -7.16
CA THR D 154 6.08 -13.68 -8.21
C THR D 154 7.22 -12.81 -7.69
N ALA D 155 8.35 -12.87 -8.38
CA ALA D 155 9.52 -12.09 -8.02
C ALA D 155 9.97 -11.23 -9.21
N ALA D 156 10.50 -10.06 -8.91
CA ALA D 156 10.97 -9.17 -9.96
C ALA D 156 12.49 -9.09 -9.92
N LEU D 157 13.10 -9.07 -11.09
CA LEU D 157 14.55 -8.98 -11.21
C LEU D 157 14.89 -8.36 -12.56
N GLY D 158 16.13 -7.91 -12.73
CA GLY D 158 16.50 -7.32 -13.99
C GLY D 158 17.95 -6.89 -14.07
N CYS D 159 18.26 -6.06 -15.04
CA CYS D 159 19.61 -5.55 -15.23
C CYS D 159 19.61 -4.05 -15.45
N LEU D 160 20.58 -3.38 -14.84
CA LEU D 160 20.73 -1.95 -14.99
C LEU D 160 21.87 -1.72 -15.97
N VAL D 161 21.56 -1.14 -17.12
CA VAL D 161 22.56 -0.88 -18.15
C VAL D 161 22.78 0.62 -18.21
N LYS D 162 23.90 1.11 -17.68
CA LYS D 162 24.10 2.55 -17.72
C LYS D 162 25.43 3.07 -18.25
N ASP D 163 25.42 4.37 -18.53
CA ASP D 163 26.57 5.10 -19.03
C ASP D 163 27.09 4.61 -20.37
N TYR D 164 26.22 4.62 -21.38
CA TYR D 164 26.59 4.19 -22.72
C TYR D 164 26.17 5.26 -23.71
N PHE D 165 26.79 5.23 -24.89
CA PHE D 165 26.49 6.19 -25.94
C PHE D 165 27.09 5.71 -27.25
N PRO D 166 26.34 5.86 -28.36
CA PRO D 166 24.98 6.41 -28.37
C PRO D 166 23.99 5.27 -28.22
N GLU D 167 22.71 5.53 -28.46
CA GLU D 167 21.74 4.46 -28.40
C GLU D 167 21.98 3.66 -29.68
N PRO D 168 21.45 2.43 -29.77
CA PRO D 168 20.65 1.78 -28.74
C PRO D 168 21.38 0.61 -28.11
N VAL D 169 20.78 0.07 -27.06
CA VAL D 169 21.30 -1.09 -26.37
C VAL D 169 20.16 -2.10 -26.42
N THR D 170 20.49 -3.34 -26.74
CA THR D 170 19.47 -4.38 -26.80
C THR D 170 19.69 -5.36 -25.67
N VAL D 171 18.61 -5.72 -24.97
CA VAL D 171 18.70 -6.66 -23.87
C VAL D 171 17.77 -7.85 -24.10
N SER D 172 18.32 -9.04 -23.90
CA SER D 172 17.54 -10.25 -24.04
C SER D 172 17.70 -11.05 -22.76
N TRP D 173 16.78 -11.95 -22.49
CA TRP D 173 16.86 -12.76 -21.30
C TRP D 173 17.01 -14.22 -21.66
N ASN D 174 18.02 -14.87 -21.08
CA ASN D 174 18.30 -16.27 -21.35
C ASN D 174 18.34 -16.51 -22.85
N SER D 175 19.23 -15.78 -23.52
CA SER D 175 19.42 -15.89 -24.95
C SER D 175 18.14 -15.80 -25.77
N GLY D 176 17.05 -15.36 -25.14
CA GLY D 176 15.80 -15.23 -25.85
C GLY D 176 14.73 -16.25 -25.49
N ALA D 177 15.05 -17.13 -24.54
CA ALA D 177 14.10 -18.15 -24.12
C ALA D 177 13.06 -17.52 -23.19
N LEU D 178 13.52 -16.58 -22.37
CA LEU D 178 12.66 -15.89 -21.42
C LEU D 178 12.22 -14.57 -22.05
N THR D 179 10.94 -14.49 -22.41
CA THR D 179 10.40 -13.28 -23.03
C THR D 179 9.14 -12.78 -22.32
N SER D 180 8.40 -13.70 -21.70
CA SER D 180 7.17 -13.33 -20.99
C SER D 180 7.47 -12.50 -19.75
N GLY D 181 6.67 -11.46 -19.54
CA GLY D 181 6.85 -10.60 -18.39
C GLY D 181 8.07 -9.71 -18.45
N VAL D 182 8.78 -9.73 -19.58
CA VAL D 182 9.96 -8.90 -19.73
C VAL D 182 9.57 -7.48 -20.09
N HIS D 183 10.18 -6.51 -19.42
CA HIS D 183 9.92 -5.10 -19.69
C HIS D 183 11.24 -4.36 -19.80
N THR D 184 11.52 -3.84 -21.00
CA THR D 184 12.74 -3.09 -21.22
C THR D 184 12.32 -1.64 -21.41
N PHE D 185 12.74 -0.80 -20.47
CA PHE D 185 12.38 0.61 -20.48
C PHE D 185 13.15 1.48 -21.46
N PRO D 186 12.48 2.50 -22.02
CA PRO D 186 13.15 3.40 -22.95
C PRO D 186 14.35 3.98 -22.20
N ALA D 187 15.45 4.22 -22.90
CA ALA D 187 16.62 4.78 -22.23
C ALA D 187 16.36 6.23 -21.86
N VAL D 188 17.05 6.71 -20.83
CA VAL D 188 16.91 8.09 -20.42
C VAL D 188 18.30 8.70 -20.53
N LEU D 189 18.36 9.96 -20.93
CA LEU D 189 19.65 10.64 -21.07
C LEU D 189 19.99 11.28 -19.73
N GLN D 190 21.12 10.87 -19.15
CA GLN D 190 21.56 11.39 -17.87
C GLN D 190 22.31 12.71 -18.03
N SER D 191 22.43 13.46 -16.94
CA SER D 191 23.12 14.75 -16.96
C SER D 191 24.54 14.61 -17.49
N SER D 192 25.07 13.39 -17.43
CA SER D 192 26.42 13.11 -17.90
C SER D 192 26.49 13.09 -19.42
N GLY D 193 25.34 12.99 -20.06
CA GLY D 193 25.29 12.95 -21.52
C GLY D 193 25.29 11.51 -21.99
N LEU D 194 25.22 10.58 -21.03
CA LEU D 194 25.21 9.16 -21.33
C LEU D 194 23.84 8.58 -21.03
N TYR D 195 23.47 7.53 -21.76
CA TYR D 195 22.18 6.87 -21.57
C TYR D 195 22.25 5.74 -20.55
N SER D 196 21.09 5.42 -20.00
CA SER D 196 20.96 4.33 -19.04
C SER D 196 19.56 3.77 -19.19
N LEU D 197 19.45 2.45 -19.09
CA LEU D 197 18.15 1.82 -19.18
C LEU D 197 18.13 0.58 -18.32
N SER D 198 16.93 0.13 -17.99
CA SER D 198 16.79 -1.05 -17.18
C SER D 198 15.87 -2.03 -17.90
N SER D 199 16.17 -3.31 -17.72
CA SER D 199 15.35 -4.36 -18.29
C SER D 199 14.97 -5.24 -17.12
N VAL D 200 13.68 -5.38 -16.88
CA VAL D 200 13.19 -6.18 -15.78
C VAL D 200 12.31 -7.30 -16.29
N VAL D 201 12.01 -8.24 -15.40
CA VAL D 201 11.15 -9.36 -15.74
C VAL D 201 10.63 -9.99 -14.46
N THR D 202 9.36 -10.40 -14.48
CA THR D 202 8.74 -11.03 -13.31
C THR D 202 8.66 -12.53 -13.54
N VAL D 203 9.16 -13.29 -12.59
CA VAL D 203 9.16 -14.76 -12.68
C VAL D 203 8.68 -15.36 -11.35
N PRO D 204 8.17 -16.61 -11.39
CA PRO D 204 7.71 -17.25 -10.16
C PRO D 204 8.82 -17.30 -9.12
N SER D 205 8.53 -16.84 -7.92
CA SER D 205 9.52 -16.82 -6.84
C SER D 205 10.13 -18.21 -6.60
N SER D 206 9.33 -19.25 -6.79
CA SER D 206 9.81 -20.62 -6.59
C SER D 206 10.98 -20.99 -7.50
N SER D 207 10.95 -20.50 -8.74
CA SER D 207 11.99 -20.79 -9.71
C SER D 207 13.34 -20.14 -9.42
N LEU D 208 13.35 -19.13 -8.56
CA LEU D 208 14.60 -18.44 -8.22
C LEU D 208 15.74 -19.35 -7.79
N GLY D 209 15.42 -20.57 -7.37
CA GLY D 209 16.46 -21.48 -6.93
C GLY D 209 16.83 -22.55 -7.93
N THR D 210 15.95 -22.81 -8.90
CA THR D 210 16.21 -23.82 -9.91
C THR D 210 16.45 -23.26 -11.31
N GLN D 211 15.94 -22.06 -11.57
CA GLN D 211 16.10 -21.43 -12.87
C GLN D 211 17.15 -20.33 -12.86
N THR D 212 18.08 -20.41 -13.80
CA THR D 212 19.15 -19.41 -13.92
C THR D 212 18.64 -18.23 -14.74
N TYR D 213 18.99 -17.02 -14.32
CA TYR D 213 18.56 -15.83 -15.04
C TYR D 213 19.74 -14.97 -15.45
N ILE D 214 19.90 -14.82 -16.76
CA ILE D 214 20.99 -14.04 -17.33
C ILE D 214 20.47 -13.06 -18.38
N CYS D 215 20.89 -11.80 -18.27
CA CYS D 215 20.48 -10.81 -19.26
C CYS D 215 21.61 -10.67 -20.25
N ASN D 216 21.27 -10.68 -21.54
CA ASN D 216 22.28 -10.55 -22.58
C ASN D 216 22.22 -9.12 -23.11
N VAL D 217 23.23 -8.32 -22.75
CA VAL D 217 23.31 -6.93 -23.15
C VAL D 217 24.25 -6.71 -24.34
N ASN D 218 23.75 -6.03 -25.37
CA ASN D 218 24.55 -5.75 -26.55
C ASN D 218 24.48 -4.29 -26.94
N HIS D 219 25.64 -3.68 -27.14
CA HIS D 219 25.74 -2.29 -27.55
C HIS D 219 26.59 -2.26 -28.81
N LYS D 220 25.95 -2.53 -29.95
CA LYS D 220 26.62 -2.56 -31.25
C LYS D 220 27.64 -1.46 -31.50
N PRO D 221 27.31 -0.20 -31.18
CA PRO D 221 28.24 0.90 -31.41
C PRO D 221 29.66 0.70 -30.86
N SER D 222 29.78 0.14 -29.67
CA SER D 222 31.09 -0.07 -29.06
C SER D 222 31.51 -1.54 -29.09
N ASN D 223 30.78 -2.35 -29.84
CA ASN D 223 31.08 -3.77 -29.93
C ASN D 223 31.09 -4.39 -28.53
N THR D 224 30.22 -3.89 -27.67
CA THR D 224 30.13 -4.39 -26.31
C THR D 224 29.02 -5.44 -26.23
N LYS D 225 29.34 -6.60 -25.65
CA LYS D 225 28.36 -7.67 -25.52
C LYS D 225 28.64 -8.45 -24.24
N VAL D 226 27.86 -8.16 -23.21
CA VAL D 226 28.00 -8.82 -21.92
C VAL D 226 26.72 -9.48 -21.43
N ASP D 227 26.82 -10.74 -21.03
CA ASP D 227 25.68 -11.47 -20.51
C ASP D 227 25.86 -11.54 -18.99
N LYS D 228 24.96 -10.87 -18.27
CA LYS D 228 25.02 -10.81 -16.81
C LYS D 228 24.13 -11.78 -16.07
N LYS D 229 24.71 -12.45 -15.07
CA LYS D 229 23.93 -13.39 -14.26
C LYS D 229 23.31 -12.65 -13.09
N VAL D 230 21.99 -12.76 -12.98
CA VAL D 230 21.25 -12.10 -11.91
C VAL D 230 20.71 -13.16 -10.96
N GLU D 231 21.30 -13.23 -9.78
CA GLU D 231 20.88 -14.19 -8.78
C GLU D 231 20.41 -13.51 -7.50
N PRO D 232 19.52 -14.18 -6.74
CA PRO D 232 18.97 -13.66 -5.48
C PRO D 232 20.02 -13.09 -4.52
N LYS D 233 19.68 -11.98 -3.88
CA LYS D 233 20.61 -11.34 -2.95
C LYS D 233 21.11 -12.35 -1.92
N SER D 234 22.42 -12.39 -1.76
CA SER D 234 23.12 -13.33 -0.89
C SER D 234 23.12 -13.15 0.64
N CYS D 235 22.45 -12.14 1.18
CA CYS D 235 22.45 -11.99 2.63
C CYS D 235 21.51 -13.00 3.26
#